data_8S7J
#
_entry.id   8S7J
#
_cell.length_a   1.00
_cell.length_b   1.00
_cell.length_c   1.00
_cell.angle_alpha   90.00
_cell.angle_beta   90.00
_cell.angle_gamma   90.00
#
_symmetry.space_group_name_H-M   'P 1'
#
loop_
_entity.id
_entity.type
_entity.pdbx_description
1 polymer 'Capsid protein VP1'
2 polymer 'Capsid protein VP2'
3 polymer 'Capsid protein VP3'
4 polymer 'Capsid protein VP4'
5 non-polymer ~{N}-[(4-methoxyphenyl)methyl]-4-[(4-methylpiperazin-1-yl)methyl]aniline
6 non-polymer 'MYRISTIC ACID'
#
loop_
_entity_poly.entity_id
_entity_poly.type
_entity_poly.pdbx_seq_one_letter_code
_entity_poly.pdbx_strand_id
1 'polypeptide(L)'
;GDVEEAIERAVVHVADTMRSGPSNSASVPALTAVETGHTSQVTPSDTMQTRHVKNYHSRSESTVENFLGRSACVYMEEYK
TTDNDVNKKFVAWPINTKQMVQMRRKLEMFTYLRFDMEVTFVITSRQDPGTTLAQDMPVLTHQIMYVPPGGPIPAKVDDY
AWQTSTNPSIFWTEGNAPARMSIPFISIGNAYSNFYDGWSNFDQRGSYGYNTLNNLGHIYVRHVSGSSPHPITSTIRVYF
KPKHTRAWVPRPPRLCQYKKAFSVDFTPTPITDTRKDINTVTTVAQSRRRGDMSTLNTH
;
A
2 'polypeptide(L)'
;SPTVEECGYSDRVRSITLGNSTITTQECANVVVGYGRWPTYLRDDEATAEDQPTQPDVATCRFYTLDSIKWEKGSVGWWW
KFPEALSDMGLFGQNMQYHYLGRAGYTIHVQCNASKFHQGCLLVVCVPEAEMGGAVVGQAFSATAMANGDKAYEFTSATQ
SDQTKVQTAIHNAGMGVGVGNLTIYPHQWINLRTNNSATIVMPYINSVPMDNMFRHYNFTLMVIPFVKLDYADTASTYVP
ITVTVAPMCAEYNGLRLAQAQ
;
B
3 'polypeptide(L)'
;GLPTMNTPGSTQFLTSDDFQSPCALPQFDVTPSMNIPGEVKNLMEIAEVDSVVPVNNVQDTTDQMEMFRIPVTINAPLQQ
QVFGLRLQPGLDSVFKHTLLGEILNYYAHWSGSMKLTFVFCGSAMATGKFLIAYSPPGANPPKTRKDAMLGTHIIWDIGL
QSSCVLCVPWISQTHYRLVQQDEYTSAGYVTCWYQTGMIVPPGTPNSSSIMCFASACNDFSVRMLRDTPFISQDNKLQ
;
C
4 'polypeptide(L)' GAQVSTQKTGAHETSLSAAGNSIIHYTNINYYKDAASNSANRQDFTQDPSKFTEPVKDVMIKSLPALN D
#
# COMPACT_ATOMS: atom_id res chain seq x y z
N GLY A 1 -45.15 4.00 1.74
CA GLY A 1 -44.25 4.87 2.47
C GLY A 1 -44.45 6.33 2.09
N ASP A 2 -43.65 6.84 1.15
CA ASP A 2 -43.76 8.24 0.73
C ASP A 2 -43.22 9.17 1.80
N VAL A 3 -43.61 8.93 3.05
CA VAL A 3 -43.13 9.74 4.15
C VAL A 3 -41.95 9.07 4.77
N GLU A 4 -42.06 7.76 5.00
CA GLU A 4 -40.97 7.00 5.58
C GLU A 4 -40.56 5.77 4.81
N GLU A 5 -39.35 5.77 4.28
CA GLU A 5 -38.83 4.61 3.59
C GLU A 5 -37.89 3.94 4.54
N ALA A 6 -37.91 2.61 4.56
CA ALA A 6 -37.06 1.87 5.48
C ALA A 6 -35.88 1.28 4.76
N ILE A 7 -34.68 1.61 5.22
CA ILE A 7 -33.47 1.08 4.62
C ILE A 7 -33.15 -0.20 5.34
N GLU A 8 -32.26 -1.02 4.79
CA GLU A 8 -31.85 -2.21 5.52
C GLU A 8 -30.41 -2.61 5.26
N ARG A 9 -29.56 -2.47 6.27
CA ARG A 9 -28.16 -2.88 6.13
C ARG A 9 -28.04 -4.22 6.82
N ALA A 10 -26.82 -4.57 7.24
CA ALA A 10 -26.62 -5.85 7.92
C ALA A 10 -25.28 -5.97 8.61
N VAL A 11 -25.24 -6.60 9.78
CA VAL A 11 -23.97 -6.84 10.44
C VAL A 11 -23.37 -8.01 9.73
N VAL A 12 -22.05 -8.03 9.67
CA VAL A 12 -21.36 -9.06 8.96
C VAL A 12 -20.78 -10.09 9.90
N HIS A 13 -19.95 -9.66 10.84
CA HIS A 13 -19.29 -10.57 11.78
C HIS A 13 -18.22 -11.43 11.15
N VAL A 14 -17.13 -11.65 11.87
CA VAL A 14 -16.03 -12.47 11.36
C VAL A 14 -16.43 -13.93 11.40
N ALA A 15 -15.63 -14.77 10.75
CA ALA A 15 -15.98 -16.19 10.64
C ALA A 15 -15.89 -16.87 12.00
N ASP A 16 -16.81 -17.81 12.22
CA ASP A 16 -16.81 -18.59 13.46
C ASP A 16 -15.75 -19.69 13.40
N THR A 17 -15.53 -20.31 14.55
CA THR A 17 -14.60 -21.44 14.67
C THR A 17 -15.40 -22.72 14.84
N MET A 18 -15.10 -23.72 14.01
CA MET A 18 -15.82 -24.98 14.04
C MET A 18 -15.06 -26.01 14.86
N ARG A 19 -15.82 -26.90 15.49
CA ARG A 19 -15.22 -27.95 16.30
C ARG A 19 -14.43 -28.91 15.41
N SER A 20 -13.24 -29.28 15.85
CA SER A 20 -12.35 -30.17 15.10
C SER A 20 -11.85 -31.25 16.03
N GLY A 21 -11.78 -32.47 15.53
CA GLY A 21 -11.31 -33.59 16.32
C GLY A 21 -10.00 -34.14 15.81
N PRO A 22 -9.56 -35.26 16.36
CA PRO A 22 -8.32 -35.88 15.89
C PRO A 22 -8.45 -36.33 14.44
N SER A 23 -7.33 -36.30 13.73
CA SER A 23 -7.34 -36.66 12.32
C SER A 23 -6.08 -37.46 11.99
N ASN A 24 -6.21 -38.32 10.98
CA ASN A 24 -5.07 -39.09 10.48
C ASN A 24 -5.40 -39.45 9.03
N SER A 25 -4.85 -38.69 8.09
CA SER A 25 -5.24 -38.85 6.70
C SER A 25 -4.12 -38.35 5.80
N ALA A 26 -4.32 -38.54 4.49
CA ALA A 26 -3.34 -38.12 3.50
C ALA A 26 -3.40 -36.63 3.20
N SER A 27 -4.49 -35.96 3.54
CA SER A 27 -4.57 -34.52 3.30
C SER A 27 -3.57 -33.78 4.19
N VAL A 28 -2.95 -32.75 3.63
CA VAL A 28 -1.95 -31.97 4.33
C VAL A 28 -2.26 -30.48 4.18
N PRO A 29 -3.26 -29.96 4.89
CA PRO A 29 -3.56 -28.53 4.76
C PRO A 29 -2.41 -27.63 5.12
N ALA A 30 -1.56 -28.04 6.07
CA ALA A 30 -0.47 -27.18 6.53
C ALA A 30 0.61 -26.98 5.47
N LEU A 31 0.82 -27.94 4.59
CA LEU A 31 1.88 -27.86 3.60
C LEU A 31 1.37 -27.15 2.35
N THR A 32 2.13 -26.17 1.87
CA THR A 32 1.74 -25.37 0.73
C THR A 32 2.99 -24.95 -0.02
N ALA A 33 2.85 -24.00 -0.94
CA ALA A 33 3.97 -23.49 -1.73
C ALA A 33 3.74 -22.00 -1.98
N VAL A 34 4.57 -21.15 -1.38
CA VAL A 34 4.43 -19.72 -1.54
C VAL A 34 4.88 -19.27 -2.92
N GLU A 35 5.59 -20.12 -3.66
CA GLU A 35 6.08 -19.73 -4.98
C GLU A 35 4.95 -19.36 -5.92
N THR A 36 3.73 -19.83 -5.67
CA THR A 36 2.63 -19.55 -6.56
C THR A 36 2.09 -18.13 -6.40
N GLY A 37 2.56 -17.39 -5.42
CA GLY A 37 1.98 -16.10 -5.11
C GLY A 37 0.67 -16.18 -4.36
N HIS A 38 0.36 -17.33 -3.80
CA HIS A 38 -0.91 -17.60 -3.13
C HIS A 38 -0.71 -17.57 -1.62
N THR A 39 -1.53 -16.80 -0.92
CA THR A 39 -1.48 -16.77 0.54
C THR A 39 -2.34 -17.89 1.10
N SER A 40 -1.76 -18.69 2.00
CA SER A 40 -2.45 -19.85 2.52
C SER A 40 -3.71 -19.45 3.26
N GLN A 41 -4.77 -20.25 3.11
CA GLN A 41 -6.04 -19.99 3.75
C GLN A 41 -6.33 -20.94 4.91
N VAL A 42 -5.28 -21.53 5.50
CA VAL A 42 -5.50 -22.44 6.61
C VAL A 42 -6.03 -21.66 7.82
N THR A 43 -6.69 -22.38 8.70
CA THR A 43 -7.27 -21.85 9.93
C THR A 43 -6.86 -22.77 11.05
N PRO A 44 -6.91 -22.31 12.31
CA PRO A 44 -6.49 -23.17 13.42
C PRO A 44 -7.23 -24.49 13.45
N SER A 45 -8.45 -24.52 12.92
CA SER A 45 -9.22 -25.76 12.89
C SER A 45 -8.54 -26.83 12.06
N ASP A 46 -7.62 -26.45 11.18
CA ASP A 46 -6.98 -27.38 10.27
C ASP A 46 -5.70 -27.98 10.81
N THR A 47 -5.20 -27.51 11.95
CA THR A 47 -3.93 -28.02 12.49
C THR A 47 -4.00 -28.40 13.95
N MET A 48 -5.12 -28.21 14.64
CA MET A 48 -5.23 -28.59 16.04
C MET A 48 -6.71 -28.75 16.37
N GLN A 49 -6.97 -29.45 17.46
CA GLN A 49 -8.34 -29.60 17.93
C GLN A 49 -8.84 -28.27 18.51
N THR A 50 -10.05 -27.89 18.12
CA THR A 50 -10.63 -26.62 18.53
C THR A 50 -12.06 -26.83 18.98
N ARG A 51 -12.54 -25.91 19.80
CA ARG A 51 -13.93 -25.90 20.23
C ARG A 51 -14.75 -25.00 19.31
N HIS A 52 -16.07 -25.13 19.40
CA HIS A 52 -16.96 -24.25 18.66
C HIS A 52 -17.04 -22.90 19.35
N VAL A 53 -16.78 -21.83 18.61
CA VAL A 53 -16.79 -20.47 19.12
C VAL A 53 -17.64 -19.61 18.20
N LYS A 54 -18.55 -18.82 18.75
CA LYS A 54 -19.35 -17.94 17.93
C LYS A 54 -18.86 -16.53 18.09
N ASN A 55 -18.22 -16.00 17.07
CA ASN A 55 -17.65 -14.67 17.15
C ASN A 55 -18.67 -13.64 16.80
N TYR A 56 -18.62 -12.50 17.46
CA TYR A 56 -19.51 -11.41 17.15
C TYR A 56 -18.69 -10.18 16.80
N HIS A 57 -17.38 -10.31 16.72
CA HIS A 57 -16.54 -9.22 16.28
C HIS A 57 -16.85 -8.85 14.84
N SER A 58 -16.80 -7.55 14.55
CA SER A 58 -17.04 -7.05 13.20
C SER A 58 -15.91 -6.14 12.79
N ARG A 59 -15.71 -6.01 11.49
CA ARG A 59 -14.62 -5.20 10.94
C ARG A 59 -15.15 -3.84 10.51
N SER A 60 -16.09 -3.29 11.27
CA SER A 60 -16.74 -2.04 10.88
C SER A 60 -15.76 -0.89 10.82
N GLU A 61 -14.84 -0.82 11.78
CA GLU A 61 -13.97 0.34 11.90
C GLU A 61 -12.75 0.28 10.99
N SER A 62 -12.57 -0.80 10.23
CA SER A 62 -11.43 -0.95 9.33
C SER A 62 -11.76 -0.55 7.90
N THR A 63 -12.99 -0.16 7.60
CA THR A 63 -13.33 0.21 6.24
C THR A 63 -12.58 1.47 5.84
N VAL A 64 -12.33 1.61 4.52
CA VAL A 64 -11.63 2.79 4.04
C VAL A 64 -12.43 4.04 4.32
N GLU A 65 -13.76 3.96 4.24
CA GLU A 65 -14.61 5.11 4.54
C GLU A 65 -14.34 5.62 5.95
N ASN A 66 -14.26 4.72 6.93
CA ASN A 66 -13.99 5.14 8.31
C ASN A 66 -12.51 5.44 8.52
N PHE A 67 -11.62 4.72 7.84
CA PHE A 67 -10.20 4.95 8.01
C PHE A 67 -9.81 6.36 7.56
N LEU A 68 -10.34 6.81 6.42
CA LEU A 68 -10.00 8.13 5.90
C LEU A 68 -11.02 9.20 6.28
N GLY A 69 -12.07 8.85 7.01
CA GLY A 69 -13.11 9.80 7.35
C GLY A 69 -12.86 10.56 8.63
N ARG A 70 -11.68 11.16 8.76
CA ARG A 70 -11.34 11.98 9.91
C ARG A 70 -10.70 13.27 9.43
N SER A 71 -11.10 14.39 10.04
CA SER A 71 -10.54 15.68 9.66
C SER A 71 -9.09 15.77 10.07
N ALA A 72 -8.23 16.21 9.16
CA ALA A 72 -6.80 16.35 9.42
C ALA A 72 -6.31 17.67 8.87
N CYS A 73 -5.40 18.30 9.61
CA CYS A 73 -4.85 19.59 9.20
C CYS A 73 -3.97 19.41 7.97
N VAL A 74 -4.10 20.31 7.00
CA VAL A 74 -3.30 20.26 5.78
C VAL A 74 -2.46 21.51 5.58
N TYR A 75 -2.74 22.61 6.27
CA TYR A 75 -1.99 23.84 6.06
C TYR A 75 -2.32 24.84 7.16
N MET A 76 -1.32 25.61 7.58
CA MET A 76 -1.54 26.78 8.42
C MET A 76 -0.57 27.87 8.02
N GLU A 77 -1.03 29.12 8.15
CA GLU A 77 -0.21 30.28 7.84
C GLU A 77 -0.73 31.47 8.62
N GLU A 78 0.10 32.51 8.73
CA GLU A 78 -0.21 33.71 9.47
C GLU A 78 -0.24 34.92 8.56
N TYR A 79 -1.12 35.87 8.87
CA TYR A 79 -1.21 37.13 8.16
C TYR A 79 -1.61 38.22 9.14
N LYS A 80 -1.07 39.43 8.92
CA LYS A 80 -1.24 40.54 9.85
C LYS A 80 -2.23 41.55 9.29
N THR A 81 -2.93 42.23 10.20
CA THR A 81 -3.94 43.21 9.77
C THR A 81 -3.29 44.45 9.18
N THR A 82 -2.14 44.87 9.72
CA THR A 82 -1.44 46.05 9.22
C THR A 82 0.05 45.80 9.28
N ASP A 83 0.76 46.19 8.23
CA ASP A 83 2.21 46.04 8.17
C ASP A 83 2.74 46.82 6.98
N ASN A 84 4.06 47.02 6.98
CA ASN A 84 4.71 47.73 5.87
C ASN A 84 4.85 46.86 4.63
N ASP A 85 5.09 45.56 4.79
CA ASP A 85 5.23 44.65 3.66
C ASP A 85 3.84 44.27 3.17
N VAL A 86 3.59 44.50 1.88
CA VAL A 86 2.26 44.21 1.34
C VAL A 86 2.01 42.71 1.28
N ASN A 87 3.03 41.92 0.96
CA ASN A 87 2.85 40.49 0.78
C ASN A 87 2.56 39.76 2.08
N LYS A 88 2.78 40.40 3.23
CA LYS A 88 2.63 39.76 4.52
C LYS A 88 1.26 39.99 5.14
N LYS A 89 0.36 40.68 4.45
CA LYS A 89 -0.98 40.95 4.95
C LYS A 89 -2.03 40.02 4.40
N PHE A 90 -1.66 39.00 3.63
CA PHE A 90 -2.60 38.02 3.13
C PHE A 90 -1.85 36.75 2.76
N VAL A 91 -2.60 35.67 2.58
CA VAL A 91 -2.03 34.35 2.29
C VAL A 91 -2.44 33.93 0.89
N ALA A 92 -1.64 33.05 0.29
CA ALA A 92 -1.92 32.53 -1.04
C ALA A 92 -1.29 31.14 -1.12
N TRP A 93 -2.13 30.12 -1.05
CA TRP A 93 -1.67 28.74 -0.94
C TRP A 93 -2.08 27.93 -2.17
N PRO A 94 -1.17 27.33 -2.92
CA PRO A 94 -1.57 26.38 -3.98
C PRO A 94 -1.99 25.05 -3.35
N ILE A 95 -3.24 24.67 -3.59
CA ILE A 95 -3.82 23.53 -2.88
C ILE A 95 -3.06 22.26 -3.21
N ASN A 96 -2.70 21.51 -2.17
CA ASN A 96 -2.08 20.21 -2.31
C ASN A 96 -2.17 19.50 -0.97
N THR A 97 -2.00 18.18 -0.99
CA THR A 97 -2.12 17.35 0.21
C THR A 97 -0.79 16.83 0.70
N LYS A 98 0.33 17.33 0.19
CA LYS A 98 1.64 16.81 0.56
C LYS A 98 2.33 17.63 1.64
N GLN A 99 1.69 18.67 2.18
CA GLN A 99 2.36 19.56 3.11
C GLN A 99 2.52 18.95 4.50
N MET A 100 1.51 18.26 4.99
CA MET A 100 1.50 17.72 6.35
C MET A 100 1.72 16.22 6.30
N VAL A 101 2.57 15.72 7.19
CA VAL A 101 3.10 14.37 7.05
C VAL A 101 2.04 13.32 7.32
N GLN A 102 1.26 13.48 8.39
CA GLN A 102 0.37 12.39 8.81
C GLN A 102 -0.68 12.07 7.77
N MET A 103 -1.42 13.08 7.32
CA MET A 103 -2.46 12.83 6.32
C MET A 103 -1.84 12.42 5.01
N ARG A 104 -0.66 12.93 4.70
CA ARG A 104 0.05 12.50 3.50
C ARG A 104 0.29 11.00 3.53
N ARG A 105 0.78 10.48 4.64
CA ARG A 105 1.04 9.08 4.71
C ARG A 105 -0.23 8.28 4.71
N LYS A 106 -1.26 8.77 5.35
CA LYS A 106 -2.53 8.06 5.30
C LYS A 106 -3.02 7.93 3.86
N LEU A 107 -2.91 9.00 3.08
CA LEU A 107 -3.40 8.97 1.70
C LEU A 107 -2.53 8.07 0.83
N GLU A 108 -1.21 8.17 0.96
CA GLU A 108 -0.32 7.45 0.05
C GLU A 108 -0.29 5.94 0.30
N MET A 109 -1.17 5.39 1.13
CA MET A 109 -1.31 3.94 1.18
C MET A 109 -2.09 3.40 -0.01
N PHE A 110 -2.67 4.27 -0.83
CA PHE A 110 -3.41 3.88 -2.03
C PHE A 110 -2.88 4.65 -3.22
N THR A 111 -3.03 4.07 -4.41
CA THR A 111 -2.52 4.72 -5.61
C THR A 111 -3.54 5.68 -6.21
N TYR A 112 -4.82 5.32 -6.21
CA TYR A 112 -5.87 6.16 -6.77
C TYR A 112 -7.00 6.29 -5.77
N LEU A 113 -7.55 7.50 -5.67
CA LEU A 113 -8.62 7.80 -4.73
C LEU A 113 -9.68 8.63 -5.43
N ARG A 114 -10.93 8.46 -5.00
CA ARG A 114 -12.07 9.21 -5.53
C ARG A 114 -13.04 9.49 -4.39
N PHE A 115 -13.22 10.77 -4.06
CA PHE A 115 -14.06 11.11 -2.92
C PHE A 115 -14.54 12.54 -3.04
N ASP A 116 -15.64 12.83 -2.33
CA ASP A 116 -16.03 14.20 -2.04
C ASP A 116 -15.23 14.70 -0.85
N MET A 117 -15.20 16.02 -0.69
CA MET A 117 -14.38 16.66 0.33
C MET A 117 -15.23 17.57 1.19
N GLU A 118 -14.88 17.65 2.46
CA GLU A 118 -15.48 18.58 3.41
C GLU A 118 -14.37 19.40 4.04
N VAL A 119 -14.43 20.71 3.86
CA VAL A 119 -13.34 21.62 4.25
C VAL A 119 -13.84 22.47 5.41
N THR A 120 -13.01 22.58 6.45
CA THR A 120 -13.31 23.37 7.63
C THR A 120 -12.16 24.32 7.90
N PHE A 121 -12.48 25.55 8.27
CA PHE A 121 -11.47 26.58 8.52
C PHE A 121 -11.54 27.02 9.98
N VAL A 122 -10.38 27.04 10.64
CA VAL A 122 -10.25 27.50 12.01
C VAL A 122 -9.35 28.71 12.02
N ILE A 123 -9.86 29.84 12.52
CA ILE A 123 -9.15 31.11 12.48
C ILE A 123 -9.07 31.66 13.90
N THR A 124 -7.89 32.09 14.30
CA THR A 124 -7.66 32.70 15.60
C THR A 124 -6.78 33.92 15.45
N SER A 125 -6.91 34.86 16.37
CA SER A 125 -6.19 36.12 16.32
C SER A 125 -5.55 36.41 17.67
N ARG A 126 -4.45 37.15 17.63
CA ARG A 126 -3.74 37.58 18.83
C ARG A 126 -3.07 38.92 18.57
N GLN A 127 -2.95 39.72 19.62
CA GLN A 127 -2.30 41.01 19.50
C GLN A 127 -0.79 40.85 19.60
N ASP A 128 -0.07 41.55 18.72
CA ASP A 128 1.38 41.45 18.73
C ASP A 128 1.95 42.24 19.91
N PRO A 129 3.05 41.80 20.51
CA PRO A 129 3.64 42.55 21.62
C PRO A 129 4.22 43.87 21.17
N GLY A 130 4.27 44.81 22.10
CA GLY A 130 4.79 46.13 21.81
C GLY A 130 4.84 46.98 23.06
N THR A 131 5.37 48.19 22.90
CA THR A 131 5.50 49.11 24.02
C THR A 131 4.19 49.76 24.42
N THR A 132 3.18 49.73 23.56
CA THR A 132 1.88 50.33 23.87
C THR A 132 0.80 49.47 23.23
N LEU A 133 -0.08 48.90 24.06
CA LEU A 133 -1.08 47.96 23.59
C LEU A 133 -2.51 48.42 23.84
N ALA A 134 -2.71 49.54 24.52
CA ALA A 134 -4.05 49.99 24.88
C ALA A 134 -4.80 50.45 23.63
N GLN A 135 -5.78 49.67 23.20
CA GLN A 135 -6.64 50.07 22.09
C GLN A 135 -7.99 49.39 22.25
N ASP A 136 -8.98 49.91 21.54
CA ASP A 136 -10.30 49.30 21.45
C ASP A 136 -10.60 49.01 19.99
N MET A 137 -10.85 47.74 19.67
CA MET A 137 -11.08 47.31 18.31
C MET A 137 -12.32 46.42 18.26
N PRO A 138 -13.28 46.69 17.38
CA PRO A 138 -14.42 45.80 17.25
C PRO A 138 -14.01 44.43 16.72
N VAL A 139 -15.02 43.55 16.60
CA VAL A 139 -14.76 42.19 16.14
C VAL A 139 -14.28 42.21 14.70
N LEU A 140 -13.32 41.35 14.39
CA LEU A 140 -12.76 41.28 13.04
C LEU A 140 -13.59 40.37 12.14
N THR A 141 -13.43 40.55 10.84
CA THR A 141 -14.08 39.73 9.84
C THR A 141 -13.05 39.28 8.81
N HIS A 142 -13.21 38.07 8.30
CA HIS A 142 -12.25 37.46 7.39
C HIS A 142 -12.95 36.99 6.14
N GLN A 143 -12.21 36.95 5.03
CA GLN A 143 -12.71 36.45 3.76
C GLN A 143 -11.80 35.34 3.26
N ILE A 144 -12.40 34.24 2.82
CA ILE A 144 -11.68 33.14 2.19
C ILE A 144 -12.14 33.04 0.74
N MET A 145 -11.20 33.12 -0.18
CA MET A 145 -11.48 33.16 -1.62
C MET A 145 -10.84 31.95 -2.29
N TYR A 146 -11.58 31.30 -3.17
CA TYR A 146 -11.07 30.17 -3.93
C TYR A 146 -11.01 30.54 -5.40
N VAL A 147 -9.83 30.40 -6.00
CA VAL A 147 -9.60 30.80 -7.38
C VAL A 147 -9.23 29.57 -8.20
N PRO A 148 -10.11 29.04 -9.04
CA PRO A 148 -9.75 27.92 -9.89
C PRO A 148 -8.58 28.29 -10.80
N PRO A 149 -7.87 27.31 -11.35
CA PRO A 149 -6.67 27.63 -12.13
C PRO A 149 -6.99 28.55 -13.30
N GLY A 150 -6.09 29.50 -13.54
CA GLY A 150 -6.23 30.44 -14.64
C GLY A 150 -6.94 31.73 -14.29
N GLY A 151 -7.57 31.82 -13.13
CA GLY A 151 -8.28 33.02 -12.74
C GLY A 151 -7.34 34.11 -12.28
N PRO A 152 -7.86 35.33 -12.15
CA PRO A 152 -7.03 36.44 -11.66
C PRO A 152 -6.63 36.23 -10.21
N ILE A 153 -5.46 36.73 -9.86
CA ILE A 153 -4.93 36.59 -8.50
C ILE A 153 -4.73 37.97 -7.89
N PRO A 154 -5.16 38.20 -6.64
CA PRO A 154 -4.93 39.50 -6.02
C PRO A 154 -3.46 39.72 -5.71
N ALA A 155 -3.00 40.95 -5.87
CA ALA A 155 -1.62 41.32 -5.58
C ALA A 155 -1.47 42.13 -4.31
N LYS A 156 -2.57 42.54 -3.69
CA LYS A 156 -2.52 43.32 -2.46
C LYS A 156 -3.85 43.16 -1.73
N VAL A 157 -3.87 43.58 -0.47
CA VAL A 157 -5.02 43.32 0.38
C VAL A 157 -6.27 44.03 -0.12
N ASP A 158 -6.14 45.16 -0.82
CA ASP A 158 -7.27 45.93 -1.29
C ASP A 158 -7.36 45.95 -2.81
N ASP A 159 -7.02 44.83 -3.44
CA ASP A 159 -7.08 44.73 -4.89
C ASP A 159 -8.53 44.59 -5.36
N TYR A 160 -8.72 44.77 -6.67
CA TYR A 160 -10.06 44.64 -7.25
C TYR A 160 -10.51 43.19 -7.31
N ALA A 161 -9.56 42.26 -7.32
CA ALA A 161 -9.92 40.85 -7.53
C ALA A 161 -10.78 40.31 -6.39
N TRP A 162 -10.78 40.99 -5.24
CA TRP A 162 -11.52 40.51 -4.09
C TRP A 162 -13.03 40.73 -4.21
N GLN A 163 -13.51 41.22 -5.34
CA GLN A 163 -14.93 41.53 -5.50
C GLN A 163 -15.64 40.38 -6.19
N THR A 164 -15.27 39.14 -5.83
CA THR A 164 -15.67 37.94 -6.55
C THR A 164 -17.09 38.02 -7.08
N SER A 165 -17.23 37.87 -8.40
CA SER A 165 -18.55 37.73 -9.00
C SER A 165 -18.85 36.29 -9.36
N THR A 166 -17.80 35.49 -9.57
CA THR A 166 -17.96 34.07 -9.88
C THR A 166 -17.13 33.15 -9.00
N ASN A 167 -16.02 33.62 -8.44
CA ASN A 167 -15.26 32.78 -7.52
C ASN A 167 -16.02 32.64 -6.20
N PRO A 168 -16.20 31.42 -5.70
CA PRO A 168 -16.85 31.26 -4.39
C PRO A 168 -16.01 31.85 -3.26
N SER A 169 -16.70 32.36 -2.24
CA SER A 169 -16.03 32.97 -1.11
C SER A 169 -16.88 32.77 0.14
N ILE A 170 -16.23 32.95 1.29
CA ILE A 170 -16.92 32.91 2.59
C ILE A 170 -16.46 34.10 3.42
N PHE A 171 -17.42 34.76 4.04
CA PHE A 171 -17.17 35.83 5.00
C PHE A 171 -17.53 35.32 6.40
N TRP A 172 -16.58 35.39 7.31
CA TRP A 172 -16.72 34.80 8.63
C TRP A 172 -16.33 35.82 9.69
N THR A 173 -17.11 35.89 10.77
CA THR A 173 -16.90 36.82 11.86
C THR A 173 -16.43 36.07 13.09
N GLU A 174 -15.42 36.62 13.78
CA GLU A 174 -14.83 35.94 14.91
C GLU A 174 -15.85 35.76 16.03
N GLY A 175 -15.72 34.66 16.75
CA GLY A 175 -16.63 34.32 17.83
C GLY A 175 -17.71 33.33 17.48
N ASN A 176 -17.87 33.00 16.19
CA ASN A 176 -18.90 32.06 15.77
C ASN A 176 -18.29 30.67 15.56
N ALA A 177 -19.11 29.76 15.05
CA ALA A 177 -18.62 28.43 14.75
C ALA A 177 -17.69 28.48 13.53
N PRO A 178 -16.76 27.53 13.42
CA PRO A 178 -15.86 27.54 12.25
C PRO A 178 -16.62 27.36 10.95
N ALA A 179 -16.07 27.95 9.89
CA ALA A 179 -16.67 27.84 8.57
C ALA A 179 -16.51 26.44 8.03
N ARG A 180 -17.43 26.04 7.15
CA ARG A 180 -17.41 24.69 6.58
C ARG A 180 -18.16 24.68 5.26
N MET A 181 -17.82 23.72 4.41
CA MET A 181 -18.46 23.57 3.11
C MET A 181 -18.20 22.17 2.60
N SER A 182 -18.83 21.86 1.46
CA SER A 182 -18.61 20.59 0.78
C SER A 182 -18.11 20.84 -0.63
N ILE A 183 -17.26 19.93 -1.11
CA ILE A 183 -16.68 20.05 -2.45
C ILE A 183 -16.87 18.72 -3.16
N PRO A 184 -17.33 18.71 -4.41
CA PRO A 184 -17.45 17.44 -5.13
C PRO A 184 -16.12 16.95 -5.69
N PHE A 185 -16.16 15.88 -6.48
CA PHE A 185 -14.96 15.29 -7.10
C PHE A 185 -14.58 16.13 -8.31
N ILE A 186 -13.51 16.92 -8.20
CA ILE A 186 -13.20 17.95 -9.18
C ILE A 186 -11.99 17.60 -10.03
N SER A 187 -11.71 16.31 -10.21
CA SER A 187 -10.58 15.91 -11.02
C SER A 187 -10.99 15.77 -12.49
N ILE A 188 -10.06 16.11 -13.38
CA ILE A 188 -10.31 15.93 -14.82
C ILE A 188 -10.28 14.45 -15.16
N GLY A 189 -9.40 13.69 -14.52
CA GLY A 189 -9.36 12.25 -14.71
C GLY A 189 -10.44 11.54 -13.93
N ASN A 190 -10.50 10.22 -14.10
CA ASN A 190 -11.50 9.42 -13.40
C ASN A 190 -11.17 9.19 -11.94
N ALA A 191 -9.99 9.56 -11.48
CA ALA A 191 -9.64 9.42 -10.07
C ALA A 191 -8.41 10.25 -9.77
N TYR A 192 -8.30 10.68 -8.52
CA TYR A 192 -7.08 11.34 -8.06
C TYR A 192 -5.94 10.35 -8.07
N SER A 193 -4.73 10.83 -8.38
CA SER A 193 -3.54 10.00 -8.40
C SER A 193 -2.54 10.55 -7.40
N ASN A 194 -2.18 9.74 -6.40
CA ASN A 194 -1.16 10.16 -5.45
C ASN A 194 0.23 10.08 -6.05
N PHE A 195 0.45 9.17 -7.00
CA PHE A 195 1.74 8.96 -7.63
C PHE A 195 1.58 9.03 -9.13
N TYR A 196 2.60 9.57 -9.80
CA TYR A 196 2.61 9.68 -11.26
C TYR A 196 4.05 9.45 -11.72
N ASP A 197 4.31 8.26 -12.26
CA ASP A 197 5.63 7.93 -12.78
C ASP A 197 5.69 8.30 -14.26
N GLY A 198 5.95 9.59 -14.50
CA GLY A 198 5.98 10.08 -15.87
C GLY A 198 6.46 11.51 -15.91
N TRP A 199 6.53 12.03 -17.12
CA TRP A 199 7.05 13.37 -17.38
C TRP A 199 5.94 14.26 -17.93
N SER A 200 6.25 15.55 -18.06
CA SER A 200 5.28 16.49 -18.59
C SER A 200 5.36 16.60 -20.10
N ASN A 201 6.57 16.67 -20.65
CA ASN A 201 6.77 16.77 -22.08
C ASN A 201 6.78 15.39 -22.72
N PHE A 202 6.40 15.35 -24.00
CA PHE A 202 6.26 14.06 -24.69
C PHE A 202 7.60 13.41 -24.97
N ASP A 203 8.70 14.16 -24.98
CA ASP A 203 10.03 13.60 -25.19
C ASP A 203 10.73 13.27 -23.89
N GLN A 204 9.98 13.03 -22.81
CA GLN A 204 10.54 12.64 -21.52
C GLN A 204 11.50 13.71 -21.00
N ARG A 205 10.93 14.88 -20.75
CA ARG A 205 11.70 16.01 -20.23
C ARG A 205 10.74 16.92 -19.48
N GLY A 206 11.30 17.78 -18.62
CA GLY A 206 10.51 18.72 -17.87
C GLY A 206 10.27 18.29 -16.44
N SER A 207 9.10 18.60 -15.90
CA SER A 207 8.76 18.20 -14.54
C SER A 207 8.52 16.70 -14.49
N TYR A 208 8.85 16.12 -13.34
CA TYR A 208 8.69 14.69 -13.11
C TYR A 208 7.95 14.44 -11.80
N GLY A 209 7.04 13.50 -11.83
CA GLY A 209 6.36 13.06 -10.62
C GLY A 209 4.98 13.66 -10.45
N TYR A 210 4.43 13.59 -9.25
CA TYR A 210 3.07 14.04 -9.06
C TYR A 210 2.95 15.54 -9.17
N ASN A 211 4.05 16.25 -9.19
CA ASN A 211 3.94 17.69 -9.37
C ASN A 211 3.25 18.05 -10.67
N THR A 212 3.23 17.13 -11.64
CA THR A 212 2.68 17.45 -12.96
C THR A 212 1.17 17.52 -12.95
N LEU A 213 0.52 16.78 -12.05
CA LEU A 213 -0.93 16.66 -12.06
C LEU A 213 -1.62 17.53 -11.02
N ASN A 214 -0.90 18.44 -10.36
CA ASN A 214 -1.48 19.29 -9.32
C ASN A 214 -1.90 20.62 -9.95
N ASN A 215 -3.19 20.70 -10.28
CA ASN A 215 -3.78 21.91 -10.87
C ASN A 215 -5.13 22.19 -10.23
N LEU A 216 -5.16 22.22 -8.89
CA LEU A 216 -6.40 22.37 -8.15
C LEU A 216 -6.76 23.82 -7.84
N GLY A 217 -5.85 24.76 -8.06
CA GLY A 217 -6.15 26.17 -7.81
C GLY A 217 -5.41 26.74 -6.62
N HIS A 218 -5.98 27.81 -6.06
CA HIS A 218 -5.40 28.54 -4.95
C HIS A 218 -6.47 28.93 -3.94
N ILE A 219 -6.03 29.27 -2.73
CA ILE A 219 -6.89 29.81 -1.68
C ILE A 219 -6.25 31.09 -1.15
N TYR A 220 -7.05 32.13 -1.02
CA TYR A 220 -6.59 33.43 -0.53
C TYR A 220 -7.41 33.84 0.69
N VAL A 221 -6.77 34.54 1.63
CA VAL A 221 -7.41 34.97 2.86
C VAL A 221 -6.93 36.36 3.23
N ARG A 222 -7.82 37.15 3.82
CA ARG A 222 -7.49 38.50 4.23
C ARG A 222 -8.45 38.96 5.33
N HIS A 223 -8.07 40.02 6.03
CA HIS A 223 -9.03 40.77 6.83
C HIS A 223 -9.84 41.69 5.93
N VAL A 224 -11.16 41.63 6.07
CA VAL A 224 -12.03 42.35 5.14
C VAL A 224 -11.66 43.83 5.11
N SER A 225 -11.84 44.51 6.25
CA SER A 225 -11.46 45.91 6.33
C SER A 225 -10.78 46.27 7.65
N GLY A 226 -10.51 45.28 8.51
CA GLY A 226 -9.85 45.58 9.76
C GLY A 226 -8.45 46.09 9.53
N SER A 227 -8.13 47.23 10.13
CA SER A 227 -6.78 47.76 10.12
C SER A 227 -6.54 48.50 11.43
N SER A 228 -6.03 47.79 12.43
CA SER A 228 -5.94 48.34 13.76
C SER A 228 -4.77 49.32 13.87
N PRO A 229 -4.83 50.25 14.82
CA PRO A 229 -3.66 51.11 15.06
C PRO A 229 -2.41 50.33 15.39
N HIS A 230 -2.55 49.21 16.13
CA HIS A 230 -1.44 48.35 16.45
C HIS A 230 -1.58 47.01 15.74
N PRO A 231 -0.48 46.38 15.35
CA PRO A 231 -0.59 45.15 14.56
C PRO A 231 -1.32 44.04 15.30
N ILE A 232 -2.06 43.24 14.55
CA ILE A 232 -2.72 42.04 15.04
C ILE A 232 -2.44 40.91 14.05
N THR A 233 -2.09 39.75 14.57
CA THR A 233 -1.73 38.60 13.76
C THR A 233 -2.83 37.55 13.85
N SER A 234 -3.22 36.99 12.71
CA SER A 234 -4.22 35.94 12.64
C SER A 234 -3.62 34.71 11.98
N THR A 235 -4.05 33.53 12.41
CA THR A 235 -3.61 32.26 11.87
C THR A 235 -4.82 31.48 11.39
N ILE A 236 -4.70 30.85 10.22
CA ILE A 236 -5.75 30.04 9.64
C ILE A 236 -5.25 28.61 9.52
N ARG A 237 -6.13 27.65 9.84
CA ARG A 237 -5.84 26.24 9.71
C ARG A 237 -6.89 25.61 8.81
N VAL A 238 -6.46 24.78 7.87
CA VAL A 238 -7.35 24.14 6.91
C VAL A 238 -7.41 22.65 7.21
N TYR A 239 -8.62 22.11 7.28
CA TYR A 239 -8.85 20.71 7.58
C TYR A 239 -9.63 20.06 6.44
N PHE A 240 -9.17 18.89 5.99
CA PHE A 240 -9.81 18.13 4.94
C PHE A 240 -10.42 16.86 5.53
N LYS A 241 -11.53 16.43 4.94
CA LYS A 241 -12.25 15.25 5.43
C LYS A 241 -12.90 14.55 4.24
N PRO A 242 -12.29 13.49 3.71
CA PRO A 242 -12.89 12.77 2.60
C PRO A 242 -14.25 12.17 2.95
N LYS A 243 -15.13 12.12 1.96
CA LYS A 243 -16.44 11.51 2.08
C LYS A 243 -16.70 10.65 0.86
N HIS A 244 -17.48 9.58 1.05
CA HIS A 244 -17.87 8.70 -0.05
C HIS A 244 -16.63 8.17 -0.77
N THR A 245 -15.71 7.58 -0.01
CA THR A 245 -14.39 7.29 -0.53
C THR A 245 -14.34 5.97 -1.28
N ARG A 246 -13.51 5.91 -2.32
CA ARG A 246 -13.18 4.69 -3.01
C ARG A 246 -11.69 4.69 -3.31
N ALA A 247 -11.06 3.52 -3.18
CA ALA A 247 -9.61 3.41 -3.32
C ALA A 247 -9.26 2.19 -4.15
N TRP A 248 -8.12 2.25 -4.83
CA TRP A 248 -7.63 1.18 -5.68
C TRP A 248 -6.14 0.98 -5.48
N VAL A 249 -5.69 -0.24 -5.75
CA VAL A 249 -4.26 -0.57 -5.82
C VAL A 249 -3.52 -0.15 -4.55
N PRO A 250 -3.68 -0.87 -3.43
CA PRO A 250 -2.92 -0.52 -2.23
C PRO A 250 -1.43 -0.73 -2.43
N ARG A 251 -0.65 0.06 -1.71
CA ARG A 251 0.81 0.01 -1.78
C ARG A 251 1.37 0.11 -0.38
N PRO A 252 2.59 -0.39 -0.16
CA PRO A 252 3.13 -0.49 1.19
C PRO A 252 3.30 0.88 1.82
N PRO A 253 3.12 1.00 3.15
CA PRO A 253 3.32 2.29 3.80
C PRO A 253 4.77 2.73 3.71
N ARG A 254 4.97 4.04 3.70
CA ARG A 254 6.32 4.59 3.60
C ARG A 254 7.11 4.28 4.86
N LEU A 255 8.43 4.11 4.70
CA LEU A 255 9.32 3.81 5.80
C LEU A 255 10.21 5.00 6.15
N CYS A 256 10.72 5.70 5.13
CA CYS A 256 11.62 6.80 5.34
C CYS A 256 10.86 8.09 5.63
N GLN A 257 11.50 9.00 6.36
CA GLN A 257 10.90 10.28 6.65
C GLN A 257 10.81 11.13 5.39
N TYR A 258 9.80 11.99 5.33
CA TYR A 258 9.61 12.89 4.22
C TYR A 258 10.58 14.06 4.30
N LYS A 259 11.00 14.55 3.14
CA LYS A 259 11.95 15.65 3.08
C LYS A 259 11.57 16.75 2.10
N LYS A 260 10.70 16.49 1.13
CA LYS A 260 10.27 17.50 0.18
C LYS A 260 8.76 17.42 0.03
N ALA A 261 8.14 18.57 -0.24
CA ALA A 261 6.69 18.62 -0.36
C ALA A 261 6.19 18.22 -1.74
N PHE A 262 7.06 18.15 -2.74
CA PHE A 262 6.67 17.82 -4.11
C PHE A 262 7.63 16.81 -4.73
N SER A 263 8.17 15.91 -3.93
CA SER A 263 9.10 14.91 -4.43
C SER A 263 9.08 13.71 -3.49
N VAL A 264 9.54 12.58 -4.02
CA VAL A 264 9.64 11.36 -3.22
C VAL A 264 11.01 11.22 -2.57
N ASP A 265 11.91 12.18 -2.78
CA ASP A 265 13.28 12.09 -2.31
C ASP A 265 13.34 11.63 -0.86
N PHE A 266 14.39 10.90 -0.50
CA PHE A 266 14.51 10.33 0.84
C PHE A 266 15.96 10.02 1.13
N THR A 267 16.22 9.63 2.37
CA THR A 267 17.52 9.12 2.79
C THR A 267 17.36 7.66 3.19
N PRO A 268 18.28 6.77 2.81
CA PRO A 268 18.11 5.36 3.15
C PRO A 268 17.99 5.15 4.65
N THR A 269 17.12 4.22 5.04
CA THR A 269 16.83 3.94 6.44
C THR A 269 16.95 2.45 6.71
N PRO A 270 17.38 2.06 7.91
CA PRO A 270 17.42 0.62 8.23
C PRO A 270 16.04 0.00 8.19
N ILE A 271 15.99 -1.29 7.90
CA ILE A 271 14.72 -2.00 7.82
C ILE A 271 13.98 -1.93 9.15
N THR A 272 14.69 -2.15 10.25
CA THR A 272 14.07 -2.13 11.57
C THR A 272 15.17 -2.03 12.62
N ASP A 273 14.75 -2.05 13.89
CA ASP A 273 15.69 -1.97 15.00
C ASP A 273 16.32 -3.33 15.27
N THR A 274 17.42 -3.32 16.02
CA THR A 274 18.21 -4.51 16.24
C THR A 274 18.00 -5.05 17.65
N ARG A 275 18.50 -6.27 17.87
CA ARG A 275 18.48 -6.92 19.17
C ARG A 275 19.77 -7.71 19.35
N LYS A 276 19.99 -8.18 20.58
CA LYS A 276 21.28 -8.76 20.93
C LYS A 276 21.65 -9.92 20.01
N ASP A 277 20.74 -10.89 19.85
CA ASP A 277 20.99 -12.01 18.97
C ASP A 277 19.65 -12.64 18.58
N ILE A 278 19.72 -13.61 17.67
CA ILE A 278 18.51 -14.19 17.10
C ILE A 278 17.70 -14.98 18.11
N ASN A 279 18.26 -15.30 19.28
CA ASN A 279 17.53 -16.02 20.31
C ASN A 279 17.05 -15.13 21.44
N THR A 280 17.48 -13.87 21.50
CA THR A 280 17.07 -12.98 22.58
C THR A 280 15.57 -12.75 22.53
N VAL A 281 14.90 -13.00 23.65
CA VAL A 281 13.46 -12.89 23.74
C VAL A 281 13.06 -12.08 24.96
N THR A 282 14.01 -11.84 25.86
CA THR A 282 13.74 -11.08 27.06
C THR A 282 13.71 -9.58 26.74
N THR A 283 13.25 -8.80 27.72
CA THR A 283 13.16 -7.35 27.56
C THR A 283 14.55 -6.75 27.44
N SER B 10 -0.47 -33.71 -15.03
CA SER B 10 0.36 -32.87 -14.11
C SER B 10 0.07 -31.39 -14.33
N ASP B 11 0.07 -30.63 -13.23
CA ASP B 11 -0.14 -29.20 -13.27
C ASP B 11 1.15 -28.40 -13.26
N ARG B 12 2.30 -29.06 -13.40
CA ARG B 12 3.59 -28.38 -13.42
C ARG B 12 4.03 -28.06 -14.84
N VAL B 13 3.19 -28.32 -15.82
CA VAL B 13 3.47 -28.00 -17.21
C VAL B 13 2.48 -26.92 -17.67
N ARG B 14 2.99 -25.94 -18.41
CA ARG B 14 2.18 -24.84 -18.91
C ARG B 14 2.60 -24.52 -20.33
N SER B 15 1.66 -24.04 -21.12
CA SER B 15 1.91 -23.63 -22.49
C SER B 15 1.10 -22.40 -22.80
N ILE B 16 1.73 -21.39 -23.40
CA ILE B 16 1.09 -20.12 -23.71
C ILE B 16 1.34 -19.80 -25.18
N THR B 17 0.29 -19.47 -25.91
CA THR B 17 0.37 -19.18 -27.34
C THR B 17 -0.21 -17.80 -27.60
N LEU B 18 0.65 -16.86 -28.01
CA LEU B 18 0.24 -15.53 -28.43
C LEU B 18 0.80 -15.27 -29.81
N GLY B 19 -0.07 -14.90 -30.75
CA GLY B 19 0.39 -14.61 -32.09
C GLY B 19 1.07 -15.83 -32.71
N ASN B 20 2.24 -15.60 -33.30
CA ASN B 20 3.01 -16.65 -33.92
C ASN B 20 4.16 -17.14 -33.04
N SER B 21 4.02 -17.02 -31.73
CA SER B 21 5.06 -17.41 -30.78
C SER B 21 4.45 -18.26 -29.68
N THR B 22 5.24 -19.18 -29.13
CA THR B 22 4.78 -20.09 -28.10
C THR B 22 5.82 -20.19 -27.00
N ILE B 23 5.36 -20.34 -25.76
CA ILE B 23 6.22 -20.52 -24.60
C ILE B 23 5.83 -21.83 -23.93
N THR B 24 6.81 -22.68 -23.67
CA THR B 24 6.60 -23.94 -22.96
C THR B 24 7.50 -24.00 -21.74
N THR B 25 6.91 -24.35 -20.61
CA THR B 25 7.67 -24.57 -19.38
C THR B 25 7.24 -25.90 -18.78
N GLN B 26 8.23 -26.68 -18.34
CA GLN B 26 7.99 -28.03 -17.86
C GLN B 26 8.09 -28.14 -16.36
N GLU B 27 8.58 -27.11 -15.66
CA GLU B 27 8.73 -27.10 -14.21
C GLU B 27 8.41 -25.71 -13.75
N CYS B 28 7.20 -25.46 -13.33
CA CYS B 28 6.72 -24.11 -13.07
C CYS B 28 5.60 -24.13 -12.04
N ALA B 29 5.35 -22.96 -11.47
CA ALA B 29 4.24 -22.78 -10.56
C ALA B 29 3.00 -22.34 -11.32
N ASN B 30 1.96 -22.00 -10.58
CA ASN B 30 0.72 -21.56 -11.19
C ASN B 30 0.93 -20.22 -11.92
N VAL B 31 -0.14 -19.70 -12.49
CA VAL B 31 -0.11 -18.40 -13.14
C VAL B 31 -0.87 -17.39 -12.29
N VAL B 32 -0.28 -16.21 -12.12
CA VAL B 32 -0.89 -15.13 -11.36
C VAL B 32 -1.54 -14.16 -12.34
N VAL B 33 -2.79 -13.81 -12.10
CA VAL B 33 -3.56 -12.95 -12.99
C VAL B 33 -3.80 -11.64 -12.24
N GLY B 34 -2.93 -10.67 -12.45
CA GLY B 34 -3.13 -9.30 -12.00
C GLY B 34 -3.83 -9.18 -10.66
N TYR B 35 -4.94 -8.45 -10.64
CA TYR B 35 -5.82 -8.35 -9.48
C TYR B 35 -7.08 -9.17 -9.67
N GLY B 36 -6.95 -10.34 -10.30
CA GLY B 36 -8.10 -11.14 -10.65
C GLY B 36 -8.80 -10.74 -11.93
N ARG B 37 -8.25 -9.78 -12.66
CA ARG B 37 -8.88 -9.26 -13.88
C ARG B 37 -8.05 -9.65 -15.09
N TRP B 38 -8.71 -10.14 -16.12
CA TRP B 38 -8.04 -10.50 -17.36
C TRP B 38 -8.05 -9.30 -18.32
N PRO B 39 -7.01 -9.14 -19.12
CA PRO B 39 -6.99 -8.01 -20.07
C PRO B 39 -8.17 -8.07 -21.04
N THR B 40 -8.67 -6.89 -21.41
CA THR B 40 -9.82 -6.81 -22.29
C THR B 40 -9.79 -5.46 -23.02
N TYR B 41 -10.57 -5.39 -24.10
CA TYR B 41 -10.64 -4.16 -24.88
C TYR B 41 -11.50 -3.12 -24.17
N LEU B 42 -11.32 -1.86 -24.56
CA LEU B 42 -12.07 -0.77 -23.97
C LEU B 42 -13.52 -0.78 -24.44
N ARG B 43 -14.44 -0.55 -23.51
CA ARG B 43 -15.86 -0.61 -23.79
C ARG B 43 -16.35 0.70 -24.39
N ASP B 44 -17.56 0.66 -24.97
CA ASP B 44 -18.12 1.84 -25.60
C ASP B 44 -18.56 2.89 -24.58
N ASP B 45 -18.95 2.45 -23.39
CA ASP B 45 -19.45 3.37 -22.37
C ASP B 45 -18.36 3.92 -21.47
N GLU B 46 -17.10 3.58 -21.72
CA GLU B 46 -15.98 4.16 -20.98
C GLU B 46 -15.02 4.95 -21.85
N ALA B 47 -15.13 4.85 -23.17
CA ALA B 47 -14.21 5.56 -24.05
C ALA B 47 -14.47 7.06 -24.01
N THR B 48 -13.47 7.83 -24.41
CA THR B 48 -13.61 9.28 -24.49
C THR B 48 -13.20 9.77 -25.88
N ALA B 49 -12.16 9.18 -26.46
CA ALA B 49 -11.75 9.55 -27.81
C ALA B 49 -12.79 9.06 -28.81
N GLU B 50 -13.00 9.84 -29.88
CA GLU B 50 -14.11 9.59 -30.78
C GLU B 50 -13.72 8.82 -32.03
N ASP B 51 -12.52 9.02 -32.56
CA ASP B 51 -12.14 8.37 -33.80
C ASP B 51 -11.93 6.87 -33.60
N GLN B 52 -12.03 6.13 -34.70
CA GLN B 52 -11.94 4.68 -34.66
C GLN B 52 -10.57 4.23 -34.18
N PRO B 53 -10.48 3.30 -33.22
CA PRO B 53 -9.16 2.76 -32.86
C PRO B 53 -8.65 1.79 -33.92
N THR B 54 -7.35 1.52 -33.85
CA THR B 54 -6.73 0.49 -34.65
C THR B 54 -6.28 -0.65 -33.74
N GLN B 55 -6.54 -1.89 -34.17
CA GLN B 55 -6.27 -3.08 -33.37
C GLN B 55 -5.42 -4.03 -34.20
N PRO B 56 -4.08 -3.88 -34.18
CA PRO B 56 -3.24 -4.73 -35.04
C PRO B 56 -3.37 -6.21 -34.72
N ASP B 57 -3.77 -6.57 -33.52
CA ASP B 57 -3.93 -7.97 -33.14
C ASP B 57 -2.60 -8.72 -33.21
N VAL B 58 -2.53 -9.79 -34.01
CA VAL B 58 -1.37 -10.67 -33.96
C VAL B 58 -0.07 -9.95 -34.29
N ALA B 59 -0.13 -8.84 -35.03
CA ALA B 59 1.10 -8.14 -35.39
C ALA B 59 1.82 -7.59 -34.18
N THR B 60 1.09 -7.27 -33.11
CA THR B 60 1.68 -6.66 -31.92
C THR B 60 1.58 -7.54 -30.68
N CYS B 61 0.53 -8.36 -30.56
CA CYS B 61 0.32 -9.19 -29.39
C CYS B 61 1.10 -10.50 -29.57
N ARG B 62 2.38 -10.46 -29.21
CA ARG B 62 3.25 -11.60 -29.35
C ARG B 62 4.42 -11.46 -28.38
N PHE B 63 5.11 -12.57 -28.15
CA PHE B 63 6.19 -12.58 -27.16
C PHE B 63 7.45 -11.95 -27.73
N TYR B 64 8.04 -11.03 -26.98
CA TYR B 64 9.33 -10.43 -27.32
C TYR B 64 10.32 -10.75 -26.21
N THR B 65 11.52 -11.17 -26.61
CA THR B 65 12.57 -11.53 -25.66
C THR B 65 13.42 -10.30 -25.36
N LEU B 66 13.50 -9.94 -24.08
CA LEU B 66 14.08 -8.68 -23.65
C LEU B 66 15.53 -8.79 -23.23
N ASP B 67 16.41 -9.34 -24.09
CA ASP B 67 17.83 -9.40 -23.78
C ASP B 67 18.05 -10.24 -22.52
N SER B 68 19.29 -10.40 -22.07
CA SER B 68 19.58 -11.32 -20.97
C SER B 68 20.63 -10.72 -20.05
N ILE B 69 20.67 -11.23 -18.81
CA ILE B 69 21.58 -10.76 -17.78
C ILE B 69 22.17 -11.97 -17.05
N LYS B 70 23.21 -11.70 -16.27
CA LYS B 70 23.93 -12.73 -15.52
C LYS B 70 23.59 -12.61 -14.04
N TRP B 71 23.29 -13.74 -13.40
CA TRP B 71 23.11 -13.80 -11.95
C TRP B 71 24.41 -14.28 -11.32
N GLU B 72 25.08 -13.40 -10.60
CA GLU B 72 26.32 -13.73 -9.90
C GLU B 72 26.05 -13.89 -8.42
N LYS B 73 27.07 -14.35 -7.70
CA LYS B 73 26.97 -14.48 -6.25
C LYS B 73 26.79 -13.12 -5.57
N GLY B 74 27.25 -12.04 -6.19
CA GLY B 74 27.15 -10.71 -5.64
C GLY B 74 26.07 -9.82 -6.22
N SER B 75 25.16 -10.37 -7.01
CA SER B 75 24.11 -9.56 -7.60
C SER B 75 23.15 -9.07 -6.52
N VAL B 76 22.52 -7.91 -6.78
CA VAL B 76 21.67 -7.28 -5.79
C VAL B 76 20.25 -7.10 -6.33
N GLY B 77 20.10 -6.96 -7.64
CA GLY B 77 18.78 -6.81 -8.24
C GLY B 77 18.76 -5.95 -9.48
N TRP B 78 17.64 -5.96 -10.20
CA TRP B 78 17.50 -5.21 -11.44
C TRP B 78 16.06 -4.73 -11.57
N TRP B 79 15.84 -3.74 -12.43
CA TRP B 79 14.47 -3.31 -12.75
C TRP B 79 14.39 -2.89 -14.21
N TRP B 80 13.18 -3.03 -14.76
CA TRP B 80 12.84 -2.57 -16.10
C TRP B 80 11.58 -1.73 -16.03
N LYS B 81 11.50 -0.69 -16.84
CA LYS B 81 10.33 0.17 -16.89
C LYS B 81 9.58 -0.05 -18.20
N PHE B 82 8.27 -0.26 -18.10
CA PHE B 82 7.43 -0.51 -19.25
C PHE B 82 6.43 0.62 -19.44
N PRO B 83 5.97 0.87 -20.67
CA PRO B 83 6.30 0.15 -21.90
C PRO B 83 7.57 0.65 -22.59
N GLU B 84 8.35 1.49 -21.91
CA GLU B 84 9.58 1.99 -22.50
C GLU B 84 10.51 0.86 -22.92
N ALA B 85 10.52 -0.25 -22.17
CA ALA B 85 11.42 -1.34 -22.49
C ALA B 85 11.14 -1.93 -23.86
N LEU B 86 9.92 -1.82 -24.37
CA LEU B 86 9.55 -2.32 -25.69
C LEU B 86 9.45 -1.21 -26.71
N SER B 87 10.00 -0.03 -26.42
CA SER B 87 9.77 1.14 -27.29
C SER B 87 10.31 0.95 -28.69
N ASP B 88 11.28 0.05 -28.88
CA ASP B 88 11.90 -0.15 -30.18
C ASP B 88 11.92 -1.62 -30.55
N MET B 89 10.78 -2.30 -30.42
CA MET B 89 10.68 -3.74 -30.56
C MET B 89 9.55 -4.07 -31.54
N GLY B 90 9.91 -4.45 -32.76
CA GLY B 90 8.93 -4.89 -33.74
C GLY B 90 7.96 -3.80 -34.12
N LEU B 91 6.73 -4.21 -34.46
CA LEU B 91 5.67 -3.27 -34.82
C LEU B 91 5.04 -2.62 -33.60
N PHE B 92 5.23 -3.18 -32.41
CA PHE B 92 4.76 -2.52 -31.20
C PHE B 92 5.41 -1.14 -31.06
N GLY B 93 6.72 -1.07 -31.29
CA GLY B 93 7.40 0.21 -31.23
C GLY B 93 6.92 1.17 -32.30
N GLN B 94 6.66 0.67 -33.52
CA GLN B 94 6.18 1.55 -34.57
C GLN B 94 4.81 2.13 -34.22
N ASN B 95 3.91 1.29 -33.72
CA ASN B 95 2.59 1.80 -33.33
C ASN B 95 2.71 2.78 -32.17
N MET B 96 3.64 2.53 -31.25
CA MET B 96 3.87 3.51 -30.18
C MET B 96 4.33 4.83 -30.75
N GLN B 97 5.23 4.80 -31.74
CA GLN B 97 5.76 6.04 -32.30
C GLN B 97 4.70 6.82 -33.05
N TYR B 98 3.84 6.13 -33.79
CA TYR B 98 2.96 6.82 -34.72
C TYR B 98 1.64 7.27 -34.11
N HIS B 99 1.32 6.85 -32.89
CA HIS B 99 0.03 7.13 -32.29
C HIS B 99 0.16 7.98 -31.04
N TYR B 100 -0.88 8.78 -30.79
CA TYR B 100 -0.90 9.65 -29.61
C TYR B 100 -1.26 8.88 -28.35
N LEU B 101 -2.18 7.93 -28.45
CA LEU B 101 -2.70 7.21 -27.29
C LEU B 101 -2.52 5.71 -27.48
N GLY B 102 -2.41 5.00 -26.35
CA GLY B 102 -2.24 3.56 -26.38
C GLY B 102 -2.85 2.93 -25.14
N ARG B 103 -3.03 1.61 -25.22
CA ARG B 103 -3.67 0.86 -24.14
C ARG B 103 -3.42 -0.62 -24.38
N ALA B 104 -2.89 -1.31 -23.38
CA ALA B 104 -2.59 -2.73 -23.55
C ALA B 104 -2.24 -3.36 -22.22
N GLY B 105 -2.64 -4.63 -22.06
CA GLY B 105 -2.16 -5.46 -20.97
C GLY B 105 -0.93 -6.25 -21.39
N TYR B 106 -0.34 -6.93 -20.42
CA TYR B 106 0.94 -7.60 -20.66
C TYR B 106 0.97 -8.97 -19.98
N THR B 107 1.74 -9.87 -20.58
CA THR B 107 2.10 -11.14 -19.98
C THR B 107 3.61 -11.20 -19.81
N ILE B 108 4.07 -11.36 -18.58
CA ILE B 108 5.50 -11.33 -18.25
C ILE B 108 5.93 -12.73 -17.86
N HIS B 109 6.97 -13.23 -18.52
CA HIS B 109 7.53 -14.54 -18.25
C HIS B 109 9.02 -14.38 -17.99
N VAL B 110 9.48 -14.87 -16.85
CA VAL B 110 10.89 -14.79 -16.45
C VAL B 110 11.43 -16.20 -16.36
N GLN B 111 12.51 -16.46 -17.10
CA GLN B 111 13.13 -17.78 -17.13
C GLN B 111 14.42 -17.75 -16.32
N CYS B 112 14.60 -18.77 -15.49
CA CYS B 112 15.85 -18.96 -14.75
C CYS B 112 15.92 -20.42 -14.34
N ASN B 113 16.92 -21.13 -14.84
CA ASN B 113 17.05 -22.57 -14.58
C ASN B 113 18.44 -22.87 -14.02
N ALA B 114 18.50 -23.84 -13.12
CA ALA B 114 19.74 -24.27 -12.50
C ALA B 114 19.58 -25.70 -12.04
N SER B 115 20.72 -26.34 -11.77
CA SER B 115 20.71 -27.75 -11.39
C SER B 115 20.07 -27.93 -10.02
N LYS B 116 20.01 -29.20 -9.59
CA LYS B 116 19.47 -29.51 -8.28
C LYS B 116 20.43 -29.18 -7.15
N PHE B 117 21.69 -28.88 -7.47
CA PHE B 117 22.69 -28.59 -6.45
C PHE B 117 22.91 -27.11 -6.21
N HIS B 118 22.19 -26.24 -6.91
CA HIS B 118 22.24 -24.81 -6.68
C HIS B 118 21.16 -24.40 -5.67
N GLN B 119 21.30 -23.20 -5.11
CA GLN B 119 20.31 -22.65 -4.22
C GLN B 119 20.19 -21.15 -4.44
N GLY B 120 19.00 -20.63 -4.18
CA GLY B 120 18.73 -19.21 -4.35
C GLY B 120 17.26 -18.96 -4.55
N CYS B 121 16.86 -17.71 -4.36
CA CYS B 121 15.45 -17.34 -4.46
C CYS B 121 15.35 -15.93 -5.03
N LEU B 122 14.43 -15.73 -5.96
CA LEU B 122 14.20 -14.45 -6.60
C LEU B 122 12.75 -14.02 -6.38
N LEU B 123 12.55 -12.71 -6.19
CA LEU B 123 11.21 -12.15 -6.14
C LEU B 123 10.93 -11.43 -7.45
N VAL B 124 9.84 -11.78 -8.10
CA VAL B 124 9.40 -11.15 -9.35
C VAL B 124 8.10 -10.42 -9.05
N VAL B 125 8.10 -9.11 -9.24
CA VAL B 125 6.96 -8.27 -8.85
C VAL B 125 6.79 -7.16 -9.87
N CYS B 126 5.53 -6.82 -10.16
CA CYS B 126 5.18 -5.72 -11.05
C CYS B 126 4.60 -4.59 -10.22
N VAL B 127 5.24 -3.43 -10.25
CA VAL B 127 4.90 -2.30 -9.39
C VAL B 127 4.24 -1.24 -10.26
N PRO B 128 2.94 -0.98 -10.13
CA PRO B 128 2.33 0.12 -10.88
C PRO B 128 2.64 1.47 -10.25
N GLU B 129 3.00 2.43 -11.10
CA GLU B 129 3.33 3.79 -10.67
C GLU B 129 4.50 3.77 -9.68
N ALA B 130 5.62 3.22 -10.13
CA ALA B 130 6.81 3.10 -9.29
C ALA B 130 7.67 4.37 -9.38
N GLU B 131 7.13 5.45 -8.82
CA GLU B 131 7.86 6.72 -8.81
C GLU B 131 9.08 6.60 -7.90
N MET B 132 10.22 7.08 -8.38
CA MET B 132 11.50 6.91 -7.70
C MET B 132 12.10 8.26 -7.34
N GLY B 133 12.91 8.26 -6.28
CA GLY B 133 13.54 9.48 -5.82
C GLY B 133 15.00 9.58 -6.23
N GLY B 134 15.50 10.81 -6.26
CA GLY B 134 16.86 11.03 -6.69
C GLY B 134 17.88 10.73 -5.60
N ALA B 135 19.12 10.53 -6.05
CA ALA B 135 20.19 10.20 -5.10
C ALA B 135 20.43 11.31 -4.11
N VAL B 136 20.42 12.57 -4.55
CA VAL B 136 20.61 13.73 -3.70
C VAL B 136 19.26 14.41 -3.56
N VAL B 137 18.82 14.61 -2.31
CA VAL B 137 17.52 15.23 -2.08
C VAL B 137 17.46 16.56 -2.79
N GLY B 138 16.33 16.81 -3.45
CA GLY B 138 16.25 17.95 -4.34
C GLY B 138 16.86 17.59 -5.67
N GLN B 139 17.52 18.54 -6.31
CA GLN B 139 18.17 18.30 -7.59
C GLN B 139 17.18 17.69 -8.58
N ALA B 140 17.70 17.12 -9.67
CA ALA B 140 16.85 16.46 -10.65
C ALA B 140 17.72 15.56 -11.51
N PHE B 141 17.07 14.61 -12.18
CA PHE B 141 17.75 13.67 -13.05
C PHE B 141 16.99 13.56 -14.36
N SER B 142 17.71 13.23 -15.42
CA SER B 142 17.13 13.09 -16.74
C SER B 142 16.50 11.72 -16.90
N ALA B 143 15.78 11.53 -18.01
CA ALA B 143 15.11 10.27 -18.27
C ALA B 143 16.08 9.26 -18.87
N THR B 144 17.25 9.12 -18.26
CA THR B 144 18.24 8.15 -18.70
C THR B 144 18.78 7.40 -17.49
N ALA B 145 18.50 7.91 -16.29
CA ALA B 145 18.92 7.27 -15.07
C ALA B 145 18.03 6.10 -14.69
N MET B 146 16.89 5.93 -15.36
CA MET B 146 15.96 4.87 -14.99
C MET B 146 15.28 4.20 -16.18
N ALA B 147 15.56 4.66 -17.39
CA ALA B 147 14.99 4.00 -18.57
C ALA B 147 15.79 4.39 -19.81
N ASN B 148 16.43 3.42 -20.43
CA ASN B 148 17.18 3.64 -21.66
C ASN B 148 16.95 2.51 -22.65
N GLY B 149 15.70 2.09 -22.80
CA GLY B 149 15.40 0.98 -23.68
C GLY B 149 15.24 -0.32 -22.90
N ASP B 150 15.64 -1.42 -23.54
CA ASP B 150 15.51 -2.72 -22.92
C ASP B 150 16.64 -3.05 -21.95
N LYS B 151 17.66 -2.21 -21.85
CA LYS B 151 18.76 -2.48 -20.92
C LYS B 151 18.25 -2.47 -19.49
N ALA B 152 18.81 -3.36 -18.67
CA ALA B 152 18.41 -3.47 -17.28
C ALA B 152 19.25 -2.56 -16.39
N TYR B 153 18.62 -2.00 -15.37
CA TYR B 153 19.29 -1.14 -14.41
C TYR B 153 19.47 -1.88 -13.10
N GLU B 154 20.62 -1.68 -12.47
CA GLU B 154 21.04 -2.48 -11.32
C GLU B 154 20.85 -1.70 -10.03
N PHE B 155 20.30 -2.36 -9.01
CA PHE B 155 20.28 -1.80 -7.67
C PHE B 155 21.67 -1.85 -7.06
N THR B 156 21.84 -1.17 -5.94
CA THR B 156 23.13 -1.07 -5.26
C THR B 156 22.97 -1.44 -3.79
N SER B 157 23.99 -2.12 -3.26
CA SER B 157 23.97 -2.49 -1.85
C SER B 157 24.17 -1.27 -0.96
N ALA B 158 25.14 -0.42 -1.30
CA ALA B 158 25.40 0.78 -0.54
C ALA B 158 24.56 1.95 -1.05
N THR B 159 24.49 3.00 -0.24
CA THR B 159 23.71 4.16 -0.61
C THR B 159 24.34 4.87 -1.81
N GLN B 160 23.50 5.26 -2.75
CA GLN B 160 23.98 5.94 -3.95
C GLN B 160 24.48 7.34 -3.59
N SER B 161 25.50 7.78 -4.32
CA SER B 161 26.11 9.09 -4.08
C SER B 161 26.11 10.00 -5.30
N ASP B 162 26.12 9.45 -6.51
CA ASP B 162 26.13 10.26 -7.72
C ASP B 162 24.79 10.98 -7.86
N GLN B 163 24.85 12.30 -8.05
CA GLN B 163 23.61 13.09 -8.10
C GLN B 163 22.87 12.92 -9.42
N THR B 164 23.50 12.32 -10.42
CA THR B 164 22.89 12.22 -11.74
C THR B 164 22.01 10.99 -11.90
N LYS B 165 21.86 10.16 -10.87
CA LYS B 165 21.11 8.92 -10.98
C LYS B 165 20.23 8.72 -9.75
N VAL B 166 19.39 7.69 -9.84
CA VAL B 166 18.39 7.43 -8.80
C VAL B 166 19.07 6.81 -7.57
N GLN B 167 18.40 6.95 -6.43
CA GLN B 167 18.83 6.30 -5.19
C GLN B 167 18.58 4.81 -5.32
N THR B 168 19.66 4.05 -5.51
CA THR B 168 19.57 2.64 -5.82
C THR B 168 19.70 1.74 -4.59
N ALA B 169 19.65 2.27 -3.38
CA ALA B 169 19.72 1.44 -2.19
C ALA B 169 18.67 0.33 -2.25
N ILE B 170 19.13 -0.92 -2.21
CA ILE B 170 18.23 -2.04 -2.47
C ILE B 170 17.18 -2.16 -1.37
N HIS B 171 17.58 -2.00 -0.11
CA HIS B 171 16.66 -2.29 0.98
C HIS B 171 15.47 -1.33 1.04
N ASN B 172 15.51 -0.22 0.30
CA ASN B 172 14.39 0.69 0.19
C ASN B 172 13.67 0.59 -1.14
N ALA B 173 14.20 -0.18 -2.09
CA ALA B 173 13.57 -0.37 -3.39
C ALA B 173 13.45 0.92 -4.18
N GLY B 174 14.21 1.93 -3.81
CA GLY B 174 14.18 3.19 -4.54
C GLY B 174 12.89 3.96 -4.42
N MET B 175 12.00 3.57 -3.51
CA MET B 175 10.72 4.23 -3.34
C MET B 175 10.47 4.70 -1.91
N GLY B 176 11.44 4.52 -1.01
CA GLY B 176 11.24 4.92 0.37
C GLY B 176 10.39 3.98 1.19
N VAL B 177 10.27 2.73 0.79
CA VAL B 177 9.43 1.76 1.47
C VAL B 177 10.26 0.51 1.77
N GLY B 178 9.78 -0.27 2.73
CA GLY B 178 10.47 -1.51 3.08
C GLY B 178 10.43 -2.49 1.93
N VAL B 179 11.59 -3.03 1.57
CA VAL B 179 11.66 -3.96 0.43
C VAL B 179 10.85 -5.22 0.72
N GLY B 180 10.68 -5.57 1.99
CA GLY B 180 9.98 -6.78 2.34
C GLY B 180 8.48 -6.71 2.15
N ASN B 181 7.92 -5.52 1.95
CA ASN B 181 6.48 -5.35 1.80
C ASN B 181 6.02 -5.32 0.35
N LEU B 182 6.92 -5.53 -0.60
CA LEU B 182 6.52 -5.55 -2.00
C LEU B 182 5.60 -6.72 -2.34
N THR B 183 5.35 -7.62 -1.38
CA THR B 183 4.45 -8.73 -1.60
C THR B 183 3.03 -8.29 -1.87
N ILE B 184 2.67 -7.03 -1.55
CA ILE B 184 1.32 -6.56 -1.77
C ILE B 184 0.97 -6.45 -3.25
N TYR B 185 1.94 -6.20 -4.12
CA TYR B 185 1.72 -6.12 -5.55
C TYR B 185 1.65 -7.51 -6.16
N PRO B 186 1.13 -7.64 -7.38
CA PRO B 186 1.16 -8.94 -8.06
C PRO B 186 2.60 -9.42 -8.21
N HIS B 187 2.85 -10.65 -7.77
CA HIS B 187 4.22 -11.12 -7.62
C HIS B 187 4.26 -12.64 -7.72
N GLN B 188 5.49 -13.15 -7.82
CA GLN B 188 5.74 -14.58 -7.77
C GLN B 188 7.20 -14.79 -7.40
N TRP B 189 7.51 -15.97 -6.89
CA TRP B 189 8.85 -16.31 -6.46
C TRP B 189 9.45 -17.38 -7.38
N ILE B 190 10.74 -17.27 -7.65
CA ILE B 190 11.49 -18.31 -8.33
C ILE B 190 12.45 -18.91 -7.32
N ASN B 191 12.10 -20.08 -6.79
CA ASN B 191 12.92 -20.81 -5.86
C ASN B 191 13.53 -22.00 -6.59
N LEU B 192 14.85 -22.02 -6.68
CA LEU B 192 15.52 -23.03 -7.50
C LEU B 192 15.28 -24.47 -7.11
N ARG B 193 14.79 -24.71 -5.93
CA ARG B 193 14.47 -26.05 -5.54
C ARG B 193 13.27 -26.49 -6.25
N THR B 194 12.32 -25.59 -6.44
CA THR B 194 11.04 -26.00 -6.99
C THR B 194 10.72 -25.58 -8.42
N ASN B 195 10.89 -24.33 -8.80
CA ASN B 195 10.47 -23.90 -10.12
C ASN B 195 11.54 -23.15 -10.86
N ASN B 196 11.36 -23.00 -12.16
CA ASN B 196 12.33 -22.32 -12.99
C ASN B 196 11.72 -21.19 -13.78
N SER B 197 10.45 -20.88 -13.57
CA SER B 197 9.83 -19.77 -14.24
C SER B 197 8.78 -19.09 -13.43
N ALA B 198 8.36 -17.92 -13.88
CA ALA B 198 7.34 -17.17 -13.20
C ALA B 198 6.52 -16.48 -14.25
N THR B 199 5.21 -16.47 -14.08
CA THR B 199 4.31 -15.91 -15.08
C THR B 199 3.32 -14.99 -14.40
N ILE B 200 3.20 -13.76 -14.89
CA ILE B 200 2.27 -12.77 -14.36
C ILE B 200 1.51 -12.16 -15.53
N VAL B 201 0.19 -12.06 -15.39
CA VAL B 201 -0.65 -11.37 -16.36
C VAL B 201 -1.14 -10.08 -15.73
N MET B 202 -0.78 -8.94 -16.34
CA MET B 202 -1.10 -7.62 -15.82
C MET B 202 -2.17 -6.97 -16.68
N PRO B 203 -3.34 -6.65 -16.15
CA PRO B 203 -4.29 -5.83 -16.90
C PRO B 203 -3.81 -4.38 -16.97
N TYR B 204 -4.51 -3.60 -17.78
CA TYR B 204 -4.19 -2.19 -17.90
C TYR B 204 -4.73 -1.46 -16.67
N ILE B 205 -3.84 -0.82 -15.92
CA ILE B 205 -4.19 -0.11 -14.70
C ILE B 205 -3.76 1.34 -14.86
N ASN B 206 -4.73 2.25 -14.74
CA ASN B 206 -4.47 3.68 -14.85
C ASN B 206 -5.71 4.42 -14.38
N SER B 207 -5.56 5.73 -14.18
CA SER B 207 -6.68 6.56 -13.78
C SER B 207 -7.43 7.15 -14.96
N VAL B 208 -6.99 6.88 -16.19
CA VAL B 208 -7.67 7.38 -17.39
C VAL B 208 -7.79 6.25 -18.39
N PRO B 209 -8.77 6.28 -19.29
CA PRO B 209 -8.95 5.15 -20.22
C PRO B 209 -7.73 4.86 -21.08
N MET B 210 -7.02 5.89 -21.54
CA MET B 210 -5.86 5.74 -22.40
C MET B 210 -4.80 6.73 -21.95
N ASP B 211 -3.57 6.52 -22.40
CA ASP B 211 -2.48 7.44 -22.07
C ASP B 211 -1.39 7.30 -23.10
N ASN B 212 -0.55 8.33 -23.19
CA ASN B 212 0.57 8.32 -24.12
C ASN B 212 1.64 7.36 -23.60
N MET B 213 2.10 6.48 -24.47
CA MET B 213 2.99 5.40 -24.04
C MET B 213 4.44 5.84 -23.88
N PHE B 214 4.80 7.02 -24.38
CA PHE B 214 6.16 7.52 -24.22
C PHE B 214 6.32 8.38 -22.98
N ARG B 215 5.28 9.14 -22.63
CA ARG B 215 5.38 10.08 -21.53
C ARG B 215 5.24 9.41 -20.18
N HIS B 216 4.51 8.30 -20.10
CA HIS B 216 4.10 7.70 -18.83
C HIS B 216 4.56 6.26 -18.76
N TYR B 217 5.15 5.90 -17.61
CA TYR B 217 5.55 4.52 -17.33
C TYR B 217 4.42 3.84 -16.57
N ASN B 218 3.77 2.86 -17.20
CA ASN B 218 2.63 2.21 -16.57
C ASN B 218 3.03 1.44 -15.33
N PHE B 219 4.06 0.60 -15.44
CA PHE B 219 4.49 -0.21 -14.31
C PHE B 219 5.96 -0.57 -14.48
N THR B 220 6.55 -1.04 -13.39
CA THR B 220 7.96 -1.38 -13.34
C THR B 220 8.12 -2.83 -12.90
N LEU B 221 8.99 -3.56 -13.60
CA LEU B 221 9.28 -4.94 -13.23
C LEU B 221 10.58 -4.99 -12.44
N MET B 222 10.56 -5.68 -11.31
CA MET B 222 11.72 -5.80 -10.44
C MET B 222 12.02 -7.27 -10.19
N VAL B 223 13.30 -7.61 -10.21
CA VAL B 223 13.79 -8.94 -9.86
C VAL B 223 14.84 -8.76 -8.77
N ILE B 224 14.61 -9.37 -7.61
CA ILE B 224 15.44 -9.12 -6.44
C ILE B 224 15.84 -10.44 -5.80
N PRO B 225 17.14 -10.75 -5.68
CA PRO B 225 17.54 -11.96 -4.97
C PRO B 225 17.47 -11.81 -3.45
N PHE B 226 16.45 -12.42 -2.83
CA PHE B 226 16.37 -12.39 -1.37
C PHE B 226 17.37 -13.34 -0.74
N VAL B 227 17.55 -14.52 -1.31
CA VAL B 227 18.55 -15.49 -0.87
C VAL B 227 19.59 -15.59 -1.98
N LYS B 228 20.81 -15.16 -1.69
CA LYS B 228 21.82 -15.03 -2.73
C LYS B 228 22.21 -16.40 -3.27
N LEU B 229 22.64 -16.40 -4.53
CA LEU B 229 23.02 -17.64 -5.20
C LEU B 229 24.23 -18.27 -4.53
N ASP B 230 24.25 -19.60 -4.50
CA ASP B 230 25.39 -20.33 -3.94
C ASP B 230 25.52 -21.69 -4.62
N TYR B 231 26.75 -22.16 -4.72
CA TYR B 231 27.07 -23.44 -5.34
C TYR B 231 28.49 -23.79 -4.97
N ALA B 232 28.89 -25.02 -5.26
CA ALA B 232 30.22 -25.49 -4.94
C ALA B 232 30.68 -26.54 -5.94
N ASP B 233 31.93 -26.42 -6.38
CA ASP B 233 32.59 -27.44 -7.20
C ASP B 233 31.78 -27.74 -8.46
N THR B 234 31.66 -26.73 -9.31
CA THR B 234 30.99 -26.89 -10.60
C THR B 234 31.63 -25.93 -11.60
N ALA B 235 31.47 -26.25 -12.88
CA ALA B 235 32.05 -25.43 -13.94
C ALA B 235 31.14 -24.29 -14.38
N SER B 236 29.89 -24.26 -13.90
CA SER B 236 28.95 -23.19 -14.23
C SER B 236 29.17 -22.05 -13.25
N THR B 237 29.63 -20.91 -13.77
CA THR B 237 30.00 -19.78 -12.93
C THR B 237 28.85 -18.81 -12.69
N TYR B 238 27.86 -18.77 -13.59
CA TYR B 238 26.76 -17.83 -13.47
C TYR B 238 25.49 -18.48 -14.00
N VAL B 239 24.36 -17.92 -13.58
CA VAL B 239 23.03 -18.41 -13.96
C VAL B 239 22.33 -17.32 -14.74
N PRO B 240 22.21 -17.43 -16.07
CA PRO B 240 21.53 -16.37 -16.83
C PRO B 240 20.06 -16.24 -16.45
N ILE B 241 19.55 -15.02 -16.56
CA ILE B 241 18.14 -14.71 -16.36
C ILE B 241 17.62 -14.01 -17.60
N THR B 242 16.47 -14.45 -18.09
CA THR B 242 15.87 -13.90 -19.30
C THR B 242 14.44 -13.49 -19.02
N VAL B 243 14.00 -12.42 -19.68
CA VAL B 243 12.67 -11.86 -19.51
C VAL B 243 11.97 -11.80 -20.86
N THR B 244 10.73 -12.29 -20.91
CA THR B 244 9.91 -12.28 -22.12
C THR B 244 8.58 -11.62 -21.81
N VAL B 245 8.12 -10.76 -22.71
CA VAL B 245 6.91 -9.96 -22.51
C VAL B 245 6.08 -9.98 -23.78
N ALA B 246 4.75 -10.05 -23.62
CA ALA B 246 3.83 -10.07 -24.74
C ALA B 246 2.66 -9.13 -24.48
N PRO B 247 2.49 -8.05 -25.24
CA PRO B 247 1.30 -7.21 -25.07
C PRO B 247 0.03 -7.97 -25.39
N MET B 248 -1.06 -7.61 -24.72
CA MET B 248 -2.34 -8.26 -24.90
C MET B 248 -3.42 -7.22 -25.12
N CYS B 249 -4.31 -7.48 -26.09
CA CYS B 249 -5.44 -6.61 -26.36
C CYS B 249 -5.00 -5.16 -26.56
N ALA B 250 -3.94 -4.96 -27.35
CA ALA B 250 -3.42 -3.63 -27.57
C ALA B 250 -4.26 -2.88 -28.61
N GLU B 251 -4.49 -1.59 -28.37
CA GLU B 251 -5.17 -0.74 -29.34
C GLU B 251 -4.63 0.68 -29.20
N TYR B 252 -4.67 1.42 -30.30
CA TYR B 252 -4.05 2.73 -30.39
C TYR B 252 -5.03 3.73 -30.98
N ASN B 253 -4.69 5.02 -30.81
CA ASN B 253 -5.57 6.08 -31.27
C ASN B 253 -4.76 7.35 -31.50
N GLY B 254 -5.23 8.19 -32.42
CA GLY B 254 -4.60 9.47 -32.66
C GLY B 254 -3.35 9.44 -33.54
N LEU B 255 -3.52 9.08 -34.80
CA LEU B 255 -2.39 8.98 -35.73
C LEU B 255 -1.80 10.36 -36.01
N ARG B 256 -0.49 10.42 -36.06
CA ARG B 256 0.14 11.66 -36.39
C ARG B 256 1.49 11.34 -36.92
N LEU B 257 2.28 12.36 -37.17
CA LEU B 257 3.63 12.16 -37.62
C LEU B 257 4.30 11.35 -36.57
N ALA B 258 5.31 10.60 -36.96
CA ALA B 258 5.99 9.71 -36.03
C ALA B 258 6.88 10.41 -35.05
N GLN B 259 7.62 9.65 -34.28
CA GLN B 259 8.48 10.19 -33.23
C GLN B 259 7.55 10.50 -32.11
N ALA B 260 8.11 10.68 -30.93
CA ALA B 260 7.28 10.94 -29.78
C ALA B 260 8.15 11.38 -28.63
N GLY C 1 -40.86 32.65 15.53
CA GLY C 1 -40.90 31.34 14.84
C GLY C 1 -41.03 30.19 15.81
N LEU C 2 -40.48 29.04 15.44
CA LEU C 2 -40.56 27.86 16.29
C LEU C 2 -39.64 28.03 17.49
N PRO C 3 -40.15 27.98 18.72
CA PRO C 3 -39.26 28.08 19.88
C PRO C 3 -38.25 26.95 19.92
N THR C 4 -37.02 27.27 20.33
CA THR C 4 -35.94 26.30 20.43
C THR C 4 -34.98 26.74 21.53
N MET C 5 -34.14 25.80 21.96
CA MET C 5 -33.09 26.11 22.92
C MET C 5 -31.86 25.27 22.61
N ASN C 6 -30.69 25.90 22.64
CA ASN C 6 -29.45 25.23 22.30
C ASN C 6 -28.95 24.42 23.49
N THR C 7 -28.42 23.25 23.21
CA THR C 7 -27.87 22.34 24.21
C THR C 7 -26.35 22.39 24.19
N PRO C 8 -25.69 21.80 25.19
CA PRO C 8 -24.23 21.79 25.19
C PRO C 8 -23.68 21.11 23.94
N GLY C 9 -22.56 21.64 23.46
CA GLY C 9 -21.95 21.18 22.24
C GLY C 9 -22.23 22.01 21.01
N SER C 10 -23.03 23.08 21.14
CA SER C 10 -23.29 23.93 20.00
C SER C 10 -22.05 24.71 19.61
N THR C 11 -21.84 24.86 18.30
CA THR C 11 -20.74 25.63 17.73
C THR C 11 -19.38 24.98 17.96
N GLN C 12 -19.34 23.74 18.42
CA GLN C 12 -18.08 23.04 18.55
C GLN C 12 -17.71 22.36 17.23
N PHE C 13 -16.41 22.13 17.06
CA PHE C 13 -15.89 21.46 15.88
C PHE C 13 -15.26 20.14 16.33
N LEU C 14 -15.96 19.04 16.09
CA LEU C 14 -15.49 17.71 16.44
C LEU C 14 -15.01 17.03 15.16
N THR C 15 -13.75 16.60 15.16
CA THR C 15 -13.13 16.17 13.91
C THR C 15 -13.73 14.89 13.35
N SER C 16 -14.53 14.16 14.12
CA SER C 16 -15.12 12.91 13.68
C SER C 16 -16.64 12.98 13.57
N ASP C 17 -17.19 14.15 13.28
CA ASP C 17 -18.63 14.31 13.19
C ASP C 17 -19.14 13.96 11.78
N ASP C 18 -20.45 13.81 11.68
CA ASP C 18 -21.13 13.50 10.42
C ASP C 18 -22.32 14.45 10.28
N PHE C 19 -22.14 15.53 9.54
CA PHE C 19 -23.20 16.51 9.32
C PHE C 19 -23.21 16.92 7.86
N GLN C 20 -24.38 17.37 7.40
CA GLN C 20 -24.50 17.90 6.05
C GLN C 20 -24.05 19.35 6.02
N SER C 21 -23.49 19.76 4.88
CA SER C 21 -23.00 21.12 4.73
C SER C 21 -23.27 21.59 3.31
N PRO C 22 -23.36 22.91 3.09
CA PRO C 22 -23.65 23.40 1.74
C PRO C 22 -22.53 23.08 0.77
N CYS C 23 -22.89 22.93 -0.50
CA CYS C 23 -21.91 22.69 -1.55
C CYS C 23 -21.44 24.02 -2.13
N ALA C 24 -20.12 24.17 -2.28
CA ALA C 24 -19.56 25.42 -2.78
C ALA C 24 -19.61 25.53 -4.30
N LEU C 25 -19.86 24.42 -5.00
CA LEU C 25 -19.91 24.40 -6.46
C LEU C 25 -21.24 23.75 -6.87
N PRO C 26 -22.34 24.50 -6.79
CA PRO C 26 -23.65 23.89 -7.08
C PRO C 26 -23.74 23.35 -8.50
N GLN C 27 -24.41 22.21 -8.63
CA GLN C 27 -24.67 21.57 -9.92
C GLN C 27 -23.40 21.25 -10.69
N PHE C 28 -22.34 20.85 -9.99
CA PHE C 28 -21.11 20.46 -10.65
C PHE C 28 -21.24 19.05 -11.19
N ASP C 29 -20.78 18.85 -12.43
CA ASP C 29 -20.90 17.57 -13.12
C ASP C 29 -19.60 16.79 -12.94
N VAL C 30 -19.65 15.71 -12.17
CA VAL C 30 -18.45 14.94 -11.89
C VAL C 30 -18.12 14.02 -13.07
N THR C 31 -16.86 13.64 -13.17
CA THR C 31 -16.43 12.78 -14.26
C THR C 31 -17.05 11.39 -14.08
N PRO C 32 -17.43 10.73 -15.18
CA PRO C 32 -18.02 9.39 -15.04
C PRO C 32 -17.06 8.42 -14.37
N SER C 33 -17.64 7.49 -13.61
CA SER C 33 -16.86 6.52 -12.87
C SER C 33 -16.35 5.43 -13.80
N MET C 34 -15.20 4.86 -13.44
CA MET C 34 -14.57 3.80 -14.21
C MET C 34 -14.06 2.73 -13.25
N ASN C 35 -14.23 1.46 -13.62
CA ASN C 35 -13.86 0.35 -12.74
C ASN C 35 -12.39 -0.03 -12.94
N ILE C 36 -11.54 0.69 -12.22
CA ILE C 36 -10.10 0.41 -12.19
C ILE C 36 -9.88 -0.92 -11.49
N PRO C 37 -8.97 -1.78 -11.96
CA PRO C 37 -8.75 -3.05 -11.27
C PRO C 37 -8.14 -2.85 -9.88
N GLY C 38 -8.48 -3.77 -8.99
CA GLY C 38 -7.84 -3.81 -7.68
C GLY C 38 -8.45 -2.91 -6.64
N GLU C 39 -9.77 -2.85 -6.57
CA GLU C 39 -10.42 -2.02 -5.56
C GLU C 39 -10.28 -2.64 -4.19
N VAL C 40 -9.96 -1.81 -3.20
CA VAL C 40 -9.82 -2.24 -1.81
C VAL C 40 -10.89 -1.54 -0.99
N LYS C 41 -11.66 -2.31 -0.24
CA LYS C 41 -12.77 -1.78 0.53
C LYS C 41 -12.56 -1.86 2.04
N ASN C 42 -11.59 -2.63 2.50
CA ASN C 42 -11.35 -2.79 3.93
C ASN C 42 -9.87 -3.07 4.16
N LEU C 43 -9.29 -2.42 5.17
CA LEU C 43 -7.86 -2.55 5.41
C LEU C 43 -7.46 -3.95 5.83
N MET C 44 -8.38 -4.74 6.40
CA MET C 44 -8.07 -6.12 6.71
C MET C 44 -7.69 -6.92 5.47
N GLU C 45 -8.23 -6.55 4.30
CA GLU C 45 -7.81 -7.19 3.07
C GLU C 45 -6.31 -7.01 2.84
N ILE C 46 -5.79 -5.81 3.09
CA ILE C 46 -4.35 -5.60 3.02
C ILE C 46 -3.64 -6.39 4.10
N ALA C 47 -4.19 -6.38 5.32
CA ALA C 47 -3.53 -7.05 6.43
C ALA C 47 -3.42 -8.55 6.24
N GLU C 48 -4.28 -9.15 5.41
CA GLU C 48 -4.26 -10.60 5.23
C GLU C 48 -3.25 -11.08 4.20
N VAL C 49 -2.45 -10.19 3.63
CA VAL C 49 -1.44 -10.58 2.65
C VAL C 49 -0.11 -10.84 3.36
N ASP C 50 0.62 -11.84 2.87
CA ASP C 50 1.89 -12.20 3.49
C ASP C 50 2.94 -11.12 3.23
N SER C 51 3.91 -11.05 4.14
CA SER C 51 5.04 -10.15 3.99
C SER C 51 6.24 -10.73 4.71
N VAL C 52 7.43 -10.46 4.19
CA VAL C 52 8.63 -11.08 4.72
C VAL C 52 8.97 -10.46 6.07
N VAL C 53 9.29 -11.30 7.04
CA VAL C 53 9.55 -10.87 8.41
C VAL C 53 11.06 -10.81 8.62
N PRO C 54 11.62 -9.67 9.04
CA PRO C 54 13.07 -9.61 9.30
C PRO C 54 13.45 -10.19 10.64
N VAL C 55 13.61 -11.50 10.72
CA VAL C 55 13.87 -12.15 12.00
C VAL C 55 15.32 -12.00 12.45
N ASN C 56 16.26 -11.87 11.52
CA ASN C 56 17.68 -11.90 11.85
C ASN C 56 18.22 -10.51 12.21
N ASN C 57 17.75 -9.96 13.33
CA ASN C 57 18.21 -8.67 13.83
C ASN C 57 19.35 -8.79 14.84
N VAL C 58 20.56 -9.12 14.40
CA VAL C 58 21.60 -9.54 15.33
C VAL C 58 22.55 -8.40 15.69
N GLN C 59 22.16 -7.16 15.43
CA GLN C 59 22.85 -6.00 15.96
C GLN C 59 24.22 -5.77 15.32
N ASP C 60 24.67 -6.67 14.46
CA ASP C 60 25.92 -6.49 13.75
C ASP C 60 25.75 -6.74 12.25
N THR C 61 24.54 -6.55 11.72
CA THR C 61 24.28 -6.75 10.31
C THR C 61 24.80 -5.57 9.52
N THR C 62 25.95 -5.75 8.86
CA THR C 62 26.49 -4.72 8.00
C THR C 62 25.72 -4.61 6.68
N ASP C 63 25.03 -5.67 6.28
CA ASP C 63 24.19 -5.68 5.09
C ASP C 63 22.74 -5.81 5.52
N GLN C 64 21.91 -4.86 5.07
CA GLN C 64 20.52 -4.85 5.52
C GLN C 64 19.75 -6.06 5.04
N MET C 65 20.03 -6.54 3.84
CA MET C 65 19.28 -7.68 3.31
C MET C 65 19.53 -8.95 4.09
N GLU C 66 20.62 -9.02 4.86
CA GLU C 66 20.89 -10.20 5.68
C GLU C 66 19.85 -10.40 6.76
N MET C 67 19.04 -9.38 7.06
CA MET C 67 18.06 -9.50 8.13
C MET C 67 16.98 -10.52 7.80
N PHE C 68 16.70 -10.74 6.51
CA PHE C 68 15.54 -11.52 6.13
C PHE C 68 15.77 -13.03 6.14
N ARG C 69 17.04 -13.43 6.20
CA ARG C 69 17.41 -14.83 6.12
C ARG C 69 17.89 -15.44 7.40
N ILE C 70 17.39 -16.62 7.75
CA ILE C 70 17.74 -17.25 9.01
C ILE C 70 18.76 -18.34 8.73
N PRO C 71 19.97 -18.27 9.29
CA PRO C 71 21.01 -19.25 8.93
C PRO C 71 20.70 -20.65 9.41
N VAL C 72 21.25 -21.63 8.70
CA VAL C 72 21.14 -23.05 9.03
C VAL C 72 22.41 -23.74 8.59
N THR C 73 22.83 -24.75 9.35
CA THR C 73 24.11 -25.42 9.12
C THR C 73 23.93 -26.92 9.15
N ILE C 74 24.87 -27.63 8.50
CA ILE C 74 24.75 -29.08 8.37
C ILE C 74 25.00 -29.79 9.69
N ASN C 75 26.05 -29.43 10.42
CA ASN C 75 26.41 -30.10 11.66
C ASN C 75 26.06 -29.21 12.83
N ALA C 76 25.16 -29.68 13.68
CA ALA C 76 24.75 -28.95 14.86
C ALA C 76 24.47 -29.95 15.97
N PRO C 77 24.57 -29.54 17.23
CA PRO C 77 24.19 -30.43 18.31
C PRO C 77 22.79 -30.98 18.11
N LEU C 78 22.51 -32.11 18.75
CA LEU C 78 21.27 -32.84 18.45
C LEU C 78 20.04 -31.97 18.68
N GLN C 79 20.00 -31.20 19.76
CA GLN C 79 18.93 -30.25 20.01
C GLN C 79 19.54 -28.86 20.01
N GLN C 80 19.06 -27.99 19.12
CA GLN C 80 19.57 -26.63 19.06
C GLN C 80 18.46 -25.71 18.58
N GLN C 81 18.53 -24.46 19.00
CA GLN C 81 17.51 -23.48 18.67
C GLN C 81 17.87 -22.76 17.38
N VAL C 82 16.89 -22.63 16.49
CA VAL C 82 17.11 -21.87 15.26
C VAL C 82 16.84 -20.39 15.49
N PHE C 83 15.69 -20.06 16.09
CA PHE C 83 15.37 -18.67 16.39
C PHE C 83 14.32 -18.63 17.49
N GLY C 84 14.18 -17.45 18.09
CA GLY C 84 13.15 -17.21 19.08
C GLY C 84 12.70 -15.76 19.04
N LEU C 85 11.42 -15.51 19.32
CA LEU C 85 10.89 -14.16 19.19
C LEU C 85 9.63 -14.02 20.04
N ARG C 86 9.33 -12.78 20.41
CA ARG C 86 8.12 -12.48 21.16
C ARG C 86 6.96 -12.20 20.21
N LEU C 87 5.77 -12.64 20.60
CA LEU C 87 4.58 -12.45 19.77
C LEU C 87 3.89 -11.15 20.15
N GLN C 88 4.47 -10.04 19.69
CA GLN C 88 3.93 -8.70 19.87
C GLN C 88 3.87 -8.06 18.48
N PRO C 89 2.84 -8.37 17.70
CA PRO C 89 2.85 -7.95 16.28
C PRO C 89 2.96 -6.45 16.09
N GLY C 90 2.47 -5.64 17.02
CA GLY C 90 2.49 -4.21 16.83
C GLY C 90 3.60 -3.48 17.56
N LEU C 91 4.39 -4.20 18.35
CA LEU C 91 5.38 -3.57 19.21
C LEU C 91 6.77 -4.15 19.02
N ASP C 92 6.85 -5.45 18.75
CA ASP C 92 8.16 -6.09 18.59
C ASP C 92 8.84 -5.59 17.32
N SER C 93 10.15 -5.38 17.42
CA SER C 93 10.90 -4.89 16.26
C SER C 93 10.79 -5.84 15.08
N VAL C 94 10.60 -7.13 15.34
CA VAL C 94 10.51 -8.09 14.25
C VAL C 94 9.26 -7.83 13.42
N PHE C 95 8.11 -7.67 14.06
CA PHE C 95 6.85 -7.46 13.37
C PHE C 95 6.46 -6.00 13.23
N LYS C 96 7.26 -5.08 13.77
CA LYS C 96 6.85 -3.69 13.85
C LYS C 96 6.55 -3.10 12.47
N HIS C 97 7.44 -3.32 11.51
CA HIS C 97 7.38 -2.66 10.22
C HIS C 97 6.85 -3.55 9.11
N THR C 98 6.38 -4.75 9.43
CA THR C 98 5.81 -5.62 8.41
C THR C 98 4.51 -5.03 7.89
N LEU C 99 3.95 -5.69 6.87
CA LEU C 99 2.70 -5.21 6.29
C LEU C 99 1.55 -5.34 7.27
N LEU C 100 1.69 -6.20 8.28
CA LEU C 100 0.65 -6.36 9.30
C LEU C 100 0.88 -5.40 10.46
N GLY C 101 2.14 -5.25 10.89
CA GLY C 101 2.43 -4.33 11.96
C GLY C 101 2.12 -2.89 11.61
N GLU C 102 2.36 -2.50 10.36
CA GLU C 102 2.05 -1.14 9.94
C GLU C 102 0.56 -0.86 10.05
N ILE C 103 -0.28 -1.80 9.63
CA ILE C 103 -1.72 -1.63 9.76
C ILE C 103 -2.12 -1.60 11.23
N LEU C 104 -1.56 -2.49 12.04
CA LEU C 104 -1.93 -2.53 13.45
C LEU C 104 -1.56 -1.23 14.16
N ASN C 105 -0.46 -0.59 13.75
CA ASN C 105 0.00 0.59 14.46
C ASN C 105 -0.93 1.78 14.29
N TYR C 106 -1.91 1.71 13.40
CA TYR C 106 -2.94 2.73 13.29
C TYR C 106 -4.11 2.50 14.22
N TYR C 107 -4.10 1.42 14.99
CA TYR C 107 -5.20 1.05 15.87
C TYR C 107 -4.67 0.74 17.26
N ALA C 108 -5.59 0.69 18.23
CA ALA C 108 -5.21 0.47 19.61
C ALA C 108 -5.48 -0.95 20.08
N HIS C 109 -6.55 -1.60 19.62
CA HIS C 109 -6.89 -2.96 20.01
C HIS C 109 -6.84 -3.87 18.81
N TRP C 110 -6.55 -5.15 19.07
CA TRP C 110 -6.55 -6.17 18.04
C TRP C 110 -6.95 -7.51 18.65
N SER C 111 -7.43 -8.41 17.79
CA SER C 111 -7.76 -9.76 18.22
C SER C 111 -7.80 -10.65 16.99
N GLY C 112 -7.71 -11.96 17.23
CA GLY C 112 -7.74 -12.95 16.18
C GLY C 112 -6.44 -13.73 16.11
N SER C 113 -6.44 -14.71 15.22
CA SER C 113 -5.30 -15.60 15.05
C SER C 113 -4.38 -15.11 13.94
N MET C 114 -3.19 -15.70 13.87
CA MET C 114 -2.15 -15.29 12.95
C MET C 114 -1.58 -16.51 12.24
N LYS C 115 -1.02 -16.28 11.06
CA LYS C 115 -0.33 -17.31 10.29
C LYS C 115 1.14 -16.93 10.15
N LEU C 116 2.01 -17.88 10.47
CA LEU C 116 3.44 -17.78 10.19
C LEU C 116 3.79 -18.86 9.19
N THR C 117 4.31 -18.45 8.03
CA THR C 117 4.69 -19.37 6.96
C THR C 117 6.19 -19.38 6.82
N PHE C 118 6.79 -20.56 6.82
CA PHE C 118 8.23 -20.72 6.69
C PHE C 118 8.54 -21.45 5.39
N VAL C 119 9.55 -20.97 4.68
CA VAL C 119 9.94 -21.52 3.39
C VAL C 119 11.43 -21.84 3.43
N PHE C 120 11.78 -23.04 2.99
CA PHE C 120 13.17 -23.49 2.95
C PHE C 120 13.76 -23.20 1.59
N CYS C 121 14.87 -22.46 1.56
CA CYS C 121 15.51 -22.02 0.34
C CYS C 121 16.89 -22.64 0.15
N GLY C 122 17.04 -23.90 0.54
CA GLY C 122 18.29 -24.61 0.35
C GLY C 122 18.34 -25.30 -1.00
N SER C 123 19.29 -26.22 -1.11
CA SER C 123 19.42 -27.01 -2.32
C SER C 123 18.30 -28.04 -2.42
N ALA C 124 18.05 -28.51 -3.64
CA ALA C 124 17.00 -29.50 -3.83
C ALA C 124 17.36 -30.84 -3.20
N MET C 125 18.65 -31.11 -3.03
CA MET C 125 19.09 -32.36 -2.43
C MET C 125 19.17 -32.31 -0.91
N ALA C 126 19.05 -31.13 -0.31
CA ALA C 126 19.08 -31.02 1.14
C ALA C 126 17.77 -31.51 1.75
N THR C 127 17.84 -31.94 3.00
CA THR C 127 16.69 -32.47 3.71
C THR C 127 16.84 -32.19 5.20
N GLY C 128 15.72 -32.18 5.90
CA GLY C 128 15.74 -31.98 7.35
C GLY C 128 14.32 -31.88 7.88
N LYS C 129 14.25 -31.85 9.22
CA LYS C 129 12.99 -31.67 9.93
C LYS C 129 13.18 -30.63 11.02
N PHE C 130 12.15 -29.80 11.23
CA PHE C 130 12.18 -28.75 12.21
C PHE C 130 10.92 -28.80 13.06
N LEU C 131 11.06 -28.43 14.33
CA LEU C 131 9.94 -28.33 15.25
C LEU C 131 9.69 -26.86 15.55
N ILE C 132 8.49 -26.38 15.23
CA ILE C 132 8.10 -24.99 15.44
C ILE C 132 6.97 -24.98 16.45
N ALA C 133 7.15 -24.23 17.53
CA ALA C 133 6.24 -24.28 18.67
C ALA C 133 5.82 -22.89 19.10
N TYR C 134 4.59 -22.78 19.59
CA TYR C 134 4.06 -21.56 20.16
C TYR C 134 3.76 -21.82 21.64
N SER C 135 4.34 -20.99 22.51
CA SER C 135 4.19 -21.16 23.94
C SER C 135 3.33 -20.03 24.50
N PRO C 136 2.13 -20.30 25.02
CA PRO C 136 1.30 -19.22 25.54
C PRO C 136 2.00 -18.47 26.66
N PRO C 137 1.43 -17.35 27.11
CA PRO C 137 2.12 -16.52 28.10
C PRO C 137 2.43 -17.29 29.37
N GLY C 138 3.57 -16.97 29.97
CA GLY C 138 3.99 -17.64 31.18
C GLY C 138 5.14 -16.89 31.81
N ALA C 139 5.56 -17.38 32.97
CA ALA C 139 6.63 -16.72 33.71
C ALA C 139 8.01 -16.93 33.11
N ASN C 140 8.19 -17.93 32.26
CA ASN C 140 9.51 -18.23 31.70
C ASN C 140 9.40 -18.76 30.28
N PRO C 141 10.13 -18.18 29.32
CA PRO C 141 10.12 -18.75 27.97
C PRO C 141 10.85 -20.07 27.94
N PRO C 142 10.53 -20.95 26.99
CA PRO C 142 11.21 -22.25 26.93
C PRO C 142 12.70 -22.10 26.68
N LYS C 143 13.48 -22.97 27.32
CA LYS C 143 14.94 -22.95 27.17
C LYS C 143 15.48 -24.11 26.36
N THR C 144 14.70 -25.18 26.25
CA THR C 144 15.10 -26.36 25.52
C THR C 144 13.95 -26.88 24.72
N ARG C 145 14.20 -27.83 23.84
CA ARG C 145 13.16 -28.36 23.00
C ARG C 145 12.19 -29.15 23.81
N LYS C 146 12.66 -29.73 24.88
CA LYS C 146 11.79 -30.48 25.74
C LYS C 146 10.73 -29.59 26.31
N ASP C 147 11.06 -28.36 26.58
CA ASP C 147 10.11 -27.43 27.11
C ASP C 147 9.22 -26.95 26.01
N ALA C 148 9.80 -26.65 24.87
CA ALA C 148 9.01 -26.08 23.78
C ALA C 148 7.91 -27.03 23.33
N MET C 149 8.20 -28.33 23.28
CA MET C 149 7.26 -29.29 22.72
C MET C 149 6.00 -29.47 23.56
N LEU C 150 5.97 -28.93 24.77
CA LEU C 150 4.76 -29.02 25.58
C LEU C 150 3.65 -28.09 25.11
N GLY C 151 3.97 -27.06 24.33
CA GLY C 151 2.98 -26.16 23.81
C GLY C 151 2.53 -26.55 22.41
N THR C 152 1.74 -25.67 21.81
CA THR C 152 1.28 -25.89 20.44
C THR C 152 2.48 -25.92 19.51
N HIS C 153 2.54 -26.92 18.63
CA HIS C 153 3.68 -27.05 17.73
C HIS C 153 3.30 -27.90 16.53
N ILE C 154 4.17 -27.85 15.52
CA ILE C 154 4.03 -28.64 14.31
C ILE C 154 5.41 -29.14 13.90
N ILE C 155 5.48 -30.39 13.45
CA ILE C 155 6.71 -30.95 12.93
C ILE C 155 6.73 -30.73 11.42
N TRP C 156 7.75 -30.04 10.93
CA TRP C 156 7.84 -29.64 9.53
C TRP C 156 8.83 -30.55 8.82
N ASP C 157 8.37 -31.22 7.76
CA ASP C 157 9.19 -32.09 6.95
C ASP C 157 9.47 -31.42 5.61
N ILE C 158 10.75 -31.27 5.29
CA ILE C 158 11.15 -30.58 4.07
C ILE C 158 11.19 -31.58 2.92
N GLY C 159 10.47 -31.27 1.85
CA GLY C 159 10.39 -32.14 0.70
C GLY C 159 10.04 -31.37 -0.56
N LEU C 160 9.15 -31.93 -1.39
CA LEU C 160 8.73 -31.23 -2.58
C LEU C 160 7.97 -29.95 -2.23
N GLN C 161 7.13 -29.99 -1.20
CA GLN C 161 6.46 -28.79 -0.73
C GLN C 161 7.44 -27.98 0.11
N SER C 162 7.74 -26.77 -0.35
CA SER C 162 8.80 -25.99 0.27
C SER C 162 8.34 -25.20 1.50
N SER C 163 7.03 -25.13 1.76
CA SER C 163 6.50 -24.23 2.77
C SER C 163 5.62 -25.00 3.76
N CYS C 164 5.62 -24.52 5.00
CA CYS C 164 4.76 -25.03 6.05
C CYS C 164 4.19 -23.87 6.83
N VAL C 165 3.00 -24.04 7.38
CA VAL C 165 2.25 -22.97 8.03
C VAL C 165 2.07 -23.33 9.49
N LEU C 166 2.52 -22.45 10.38
CA LEU C 166 2.18 -22.52 11.80
C LEU C 166 1.07 -21.52 12.06
N CYS C 167 -0.11 -22.02 12.40
CA CYS C 167 -1.24 -21.16 12.72
C CYS C 167 -1.26 -20.91 14.21
N VAL C 168 -1.04 -19.65 14.60
CA VAL C 168 -1.01 -19.29 16.02
C VAL C 168 -2.45 -19.08 16.48
N PRO C 169 -2.98 -19.92 17.37
CA PRO C 169 -4.38 -19.77 17.77
C PRO C 169 -4.56 -18.55 18.67
N TRP C 170 -5.81 -18.12 18.78
CA TRP C 170 -6.16 -17.02 19.67
C TRP C 170 -6.50 -17.58 21.03
N ILE C 171 -5.53 -17.57 21.94
CA ILE C 171 -5.74 -17.97 23.33
C ILE C 171 -5.52 -16.75 24.19
N SER C 172 -6.61 -16.23 24.77
CA SER C 172 -6.51 -15.02 25.57
C SER C 172 -7.63 -15.02 26.59
N GLN C 173 -7.42 -14.28 27.67
CA GLN C 173 -8.45 -14.11 28.69
C GLN C 173 -9.43 -13.01 28.34
N THR C 174 -9.02 -12.04 27.52
CA THR C 174 -9.86 -10.93 27.11
C THR C 174 -10.16 -11.03 25.63
N HIS C 175 -11.29 -10.44 25.22
CA HIS C 175 -11.67 -10.47 23.82
C HIS C 175 -10.68 -9.74 22.94
N TYR C 176 -9.98 -8.74 23.49
CA TYR C 176 -9.09 -7.89 22.72
C TYR C 176 -7.78 -7.72 23.47
N ARG C 177 -6.74 -7.34 22.73
CA ARG C 177 -5.42 -7.08 23.28
C ARG C 177 -4.96 -5.70 22.84
N LEU C 178 -4.14 -5.06 23.67
CA LEU C 178 -3.60 -3.75 23.32
C LEU C 178 -2.48 -3.91 22.30
N VAL C 179 -2.42 -2.96 21.36
CA VAL C 179 -1.30 -2.94 20.42
C VAL C 179 -0.01 -2.57 21.15
N GLN C 180 -0.08 -1.57 22.03
CA GLN C 180 1.03 -1.24 22.91
C GLN C 180 1.03 -2.22 24.08
N GLN C 181 1.37 -3.47 23.76
CA GLN C 181 1.21 -4.55 24.71
C GLN C 181 2.02 -4.31 25.97
N ASP C 182 1.40 -4.61 27.11
CA ASP C 182 2.02 -4.57 28.41
C ASP C 182 1.97 -5.96 29.03
N GLU C 183 2.49 -6.08 30.25
CA GLU C 183 2.58 -7.40 30.86
C GLU C 183 1.21 -8.02 31.07
N TYR C 184 0.19 -7.20 31.26
CA TYR C 184 -1.15 -7.73 31.50
C TYR C 184 -1.68 -8.47 30.27
N THR C 185 -1.41 -7.94 29.08
CA THR C 185 -1.89 -8.54 27.84
C THR C 185 -0.81 -9.27 27.05
N SER C 186 0.13 -9.93 27.73
CA SER C 186 1.17 -10.68 27.04
C SER C 186 0.54 -11.71 26.11
N ALA C 187 1.30 -12.16 25.10
CA ALA C 187 0.78 -13.06 24.09
C ALA C 187 1.61 -14.32 23.90
N GLY C 188 2.81 -14.40 24.48
CA GLY C 188 3.60 -15.62 24.41
C GLY C 188 4.84 -15.47 23.53
N TYR C 189 5.40 -16.63 23.18
CA TYR C 189 6.66 -16.71 22.46
C TYR C 189 6.54 -17.73 21.33
N VAL C 190 7.41 -17.60 20.34
CA VAL C 190 7.52 -18.55 19.23
C VAL C 190 8.98 -18.93 19.08
N THR C 191 9.26 -20.22 18.98
CA THR C 191 10.62 -20.73 18.88
C THR C 191 10.67 -21.88 17.88
N CYS C 192 11.85 -22.08 17.29
CA CYS C 192 12.06 -23.14 16.31
C CYS C 192 13.33 -23.91 16.69
N TRP C 193 13.26 -25.23 16.58
CA TRP C 193 14.33 -26.11 17.00
C TRP C 193 14.60 -27.16 15.93
N TYR C 194 15.82 -27.68 15.93
CA TYR C 194 16.16 -28.81 15.08
C TYR C 194 15.43 -30.05 15.57
N GLN C 195 14.76 -30.74 14.65
CA GLN C 195 14.12 -32.01 14.98
C GLN C 195 15.00 -33.21 14.67
N THR C 196 15.66 -33.21 13.51
CA THR C 196 16.50 -34.33 13.11
C THR C 196 17.87 -33.83 12.67
N GLY C 197 17.92 -32.64 12.11
CA GLY C 197 19.16 -32.09 11.59
C GLY C 197 19.16 -32.05 10.07
N MET C 198 19.98 -31.16 9.53
CA MET C 198 20.05 -30.96 8.09
C MET C 198 21.18 -31.79 7.51
N ILE C 199 20.88 -32.57 6.48
CA ILE C 199 21.82 -33.49 5.86
C ILE C 199 21.96 -33.14 4.39
N VAL C 200 23.19 -33.18 3.88
CA VAL C 200 23.45 -32.80 2.49
C VAL C 200 24.37 -33.83 1.85
N PRO C 201 24.28 -34.05 0.54
CA PRO C 201 25.21 -34.96 -0.14
C PRO C 201 26.46 -34.22 -0.55
N PRO C 202 27.43 -34.93 -1.15
CA PRO C 202 28.63 -34.25 -1.64
C PRO C 202 28.30 -33.26 -2.75
N GLY C 203 29.08 -32.19 -2.81
CA GLY C 203 28.93 -31.21 -3.87
C GLY C 203 27.80 -30.23 -3.69
N THR C 204 27.44 -29.90 -2.47
CA THR C 204 26.42 -28.90 -2.18
C THR C 204 26.95 -27.92 -1.14
N PRO C 205 26.38 -26.71 -1.09
CA PRO C 205 26.79 -25.75 -0.06
C PRO C 205 26.49 -26.28 1.34
N ASN C 206 27.31 -25.88 2.30
CA ASN C 206 27.18 -26.36 3.66
C ASN C 206 26.20 -25.53 4.50
N SER C 207 25.64 -24.47 3.95
CA SER C 207 24.73 -23.60 4.69
C SER C 207 23.50 -23.30 3.84
N SER C 208 22.40 -23.00 4.52
CA SER C 208 21.15 -22.70 3.85
C SER C 208 20.42 -21.64 4.67
N SER C 209 19.34 -21.13 4.09
CA SER C 209 18.57 -20.06 4.70
C SER C 209 17.09 -20.39 4.70
N ILE C 210 16.38 -19.81 5.66
CA ILE C 210 14.93 -19.90 5.75
C ILE C 210 14.37 -18.48 5.79
N MET C 211 13.15 -18.30 5.31
CA MET C 211 12.45 -17.03 5.43
C MET C 211 11.09 -17.24 6.06
N CYS C 212 10.58 -16.19 6.70
CA CYS C 212 9.32 -16.23 7.42
C CYS C 212 8.35 -15.20 6.85
N PHE C 213 7.08 -15.57 6.76
CA PHE C 213 6.02 -14.70 6.28
C PHE C 213 4.96 -14.59 7.36
N ALA C 214 4.42 -13.40 7.55
CA ALA C 214 3.41 -13.15 8.58
C ALA C 214 2.16 -12.56 7.95
N SER C 215 1.00 -13.04 8.40
CA SER C 215 -0.28 -12.54 7.91
C SER C 215 -1.35 -12.89 8.93
N ALA C 216 -2.52 -12.27 8.75
CA ALA C 216 -3.64 -12.48 9.65
C ALA C 216 -4.63 -13.47 9.06
N CYS C 217 -5.38 -14.14 9.93
CA CYS C 217 -6.41 -15.08 9.52
C CYS C 217 -7.71 -14.35 9.19
N ASN C 218 -8.75 -15.12 8.90
CA ASN C 218 -10.03 -14.54 8.52
C ASN C 218 -10.87 -14.11 9.71
N ASP C 219 -10.44 -14.39 10.94
CA ASP C 219 -11.11 -13.91 12.13
C ASP C 219 -10.39 -12.73 12.78
N PHE C 220 -9.43 -12.13 12.10
CA PHE C 220 -8.69 -11.00 12.64
C PHE C 220 -9.54 -9.74 12.56
N SER C 221 -9.35 -8.83 13.52
CA SER C 221 -10.04 -7.55 13.50
C SER C 221 -9.29 -6.56 14.38
N VAL C 222 -9.53 -5.27 14.14
CA VAL C 222 -8.89 -4.19 14.88
C VAL C 222 -9.96 -3.19 15.29
N ARG C 223 -9.54 -2.21 16.09
CA ARG C 223 -10.49 -1.32 16.73
C ARG C 223 -9.76 -0.06 17.22
N MET C 224 -10.54 1.01 17.45
CA MET C 224 -10.01 2.21 18.09
C MET C 224 -8.88 2.89 17.32
N LEU C 225 -9.19 3.51 16.18
CA LEU C 225 -8.20 4.24 15.40
C LEU C 225 -7.37 5.17 16.27
N ARG C 226 -6.11 5.34 15.89
CA ARG C 226 -5.19 6.27 16.53
C ARG C 226 -4.10 6.66 15.54
N ASP C 227 -3.32 7.66 15.90
CA ASP C 227 -2.24 8.11 15.03
C ASP C 227 -1.00 7.25 15.22
N THR C 228 -0.35 6.92 14.11
CA THR C 228 0.84 6.07 14.18
C THR C 228 2.03 6.86 14.70
N PRO C 229 2.89 6.26 15.53
CA PRO C 229 4.06 6.98 16.04
C PRO C 229 5.29 6.89 15.15
N PHE C 230 5.21 6.24 13.99
CA PHE C 230 6.39 6.00 13.17
C PHE C 230 6.80 7.20 12.33
N ILE C 231 5.92 8.17 12.13
CA ILE C 231 6.19 9.28 11.21
C ILE C 231 6.03 10.59 11.97
N SER C 232 6.98 11.50 11.77
CA SER C 232 6.95 12.78 12.45
C SER C 232 7.71 13.81 11.64
N GLN C 233 7.47 15.07 11.93
CA GLN C 233 8.15 16.18 11.27
C GLN C 233 8.49 17.25 12.27
N ASP C 234 9.52 18.03 11.97
CA ASP C 234 9.93 19.14 12.82
C ASP C 234 9.59 20.51 12.25
N ASN C 235 9.46 20.61 10.93
CA ASN C 235 9.11 21.86 10.27
C ASN C 235 8.17 21.57 9.11
N LYS C 236 7.46 22.60 8.68
CA LYS C 236 6.59 22.46 7.53
C LYS C 236 7.40 22.12 6.29
N LEU C 237 6.93 21.12 5.54
CA LEU C 237 7.62 20.71 4.33
C LEU C 237 7.47 21.76 3.25
N GLN C 238 8.50 21.89 2.42
CA GLN C 238 8.51 22.85 1.34
C GLN C 238 9.17 22.28 0.09
N GLY D 1 -39.91 11.16 2.34
CA GLY D 1 -38.59 11.65 2.03
C GLY D 1 -37.67 11.38 3.16
N ALA D 2 -38.15 10.67 4.16
CA ALA D 2 -37.32 10.39 5.34
C ALA D 2 -36.89 8.93 5.32
N GLN D 3 -35.58 8.70 5.45
CA GLN D 3 -35.07 7.34 5.54
C GLN D 3 -34.99 6.91 7.00
N VAL D 4 -35.38 5.67 7.27
CA VAL D 4 -35.28 5.08 8.60
C VAL D 4 -34.40 3.83 8.49
N SER D 5 -33.38 3.76 9.33
CA SER D 5 -32.45 2.64 9.28
C SER D 5 -31.91 2.38 10.68
N THR D 6 -31.38 1.17 10.87
CA THR D 6 -30.87 0.78 12.17
C THR D 6 -29.54 1.46 12.46
N GLN D 7 -29.28 1.69 13.75
CA GLN D 7 -28.03 2.27 14.20
C GLN D 7 -27.22 1.22 14.93
N LYS D 8 -25.89 1.37 14.91
CA LYS D 8 -25.00 0.40 15.52
C LYS D 8 -25.30 0.06 16.94
N THR D 9 -25.11 -1.19 17.30
CA THR D 9 -25.35 -1.62 18.65
C THR D 9 -24.55 -0.82 19.63
N GLY D 10 -24.89 -0.93 20.90
CA GLY D 10 -24.16 -0.23 21.94
C GLY D 10 -24.29 -1.00 23.23
N ALA D 11 -23.83 -0.43 24.33
CA ALA D 11 -23.99 -1.08 25.62
C ALA D 11 -25.46 -1.31 25.86
N HIS D 12 -25.78 -2.20 26.78
CA HIS D 12 -27.19 -2.53 27.02
C HIS D 12 -27.83 -3.06 25.76
N GLU D 13 -27.43 -4.26 25.36
CA GLU D 13 -28.00 -4.87 24.17
C GLU D 13 -27.71 -6.36 24.15
N ILE D 23 -34.55 2.85 20.47
CA ILE D 23 -35.24 1.85 19.66
C ILE D 23 -34.36 1.45 18.49
N ILE D 24 -33.06 1.65 18.60
CA ILE D 24 -32.08 1.23 17.61
C ILE D 24 -32.51 1.61 16.21
N HIS D 25 -33.19 2.75 16.08
CA HIS D 25 -33.57 3.31 14.79
C HIS D 25 -33.27 4.80 14.79
N TYR D 26 -32.85 5.32 13.65
CA TYR D 26 -32.61 6.74 13.50
C TYR D 26 -33.17 7.21 12.16
N THR D 27 -33.52 8.49 12.11
CA THR D 27 -34.16 9.11 10.96
C THR D 27 -33.22 10.10 10.30
N ASN D 28 -33.25 10.14 8.98
CA ASN D 28 -32.38 11.02 8.20
C ASN D 28 -33.18 11.69 7.09
N ILE D 29 -32.90 12.97 6.86
CA ILE D 29 -33.51 13.73 5.79
C ILE D 29 -32.44 14.57 5.13
N ASN D 30 -32.50 14.69 3.81
CA ASN D 30 -31.53 15.46 3.04
C ASN D 30 -32.11 16.85 2.78
N TYR D 31 -31.29 17.88 2.97
CA TYR D 31 -31.76 19.25 2.84
C TYR D 31 -31.23 19.97 1.61
N TYR D 32 -30.16 19.47 1.01
CA TYR D 32 -29.47 20.18 -0.06
C TYR D 32 -29.63 19.44 -1.38
N LYS D 33 -29.47 20.18 -2.48
CA LYS D 33 -29.76 19.66 -3.81
C LYS D 33 -28.59 18.92 -4.44
N ASP D 34 -27.42 18.92 -3.82
CA ASP D 34 -26.24 18.25 -4.35
C ASP D 34 -25.93 17.02 -3.51
N ALA D 35 -25.71 15.89 -4.18
CA ALA D 35 -25.40 14.66 -3.45
C ALA D 35 -24.10 14.76 -2.68
N ALA D 36 -23.21 15.69 -3.05
CA ALA D 36 -21.96 15.86 -2.31
C ALA D 36 -22.20 16.42 -0.91
N SER D 37 -23.37 17.00 -0.65
CA SER D 37 -23.64 17.59 0.65
C SER D 37 -24.08 16.56 1.67
N ASN D 38 -24.40 15.34 1.25
CA ASN D 38 -24.89 14.33 2.17
C ASN D 38 -23.81 13.98 3.19
N SER D 39 -24.23 13.28 4.24
CA SER D 39 -23.31 12.82 5.25
C SER D 39 -22.63 11.52 4.82
N ALA D 40 -21.53 11.20 5.49
CA ALA D 40 -20.74 10.03 5.12
C ALA D 40 -21.57 8.77 5.21
N ASN D 41 -21.32 7.85 4.28
CA ASN D 41 -22.01 6.58 4.28
C ASN D 41 -21.11 5.60 4.96
N ARG D 42 -21.01 5.69 6.27
CA ARG D 42 -20.11 4.84 6.99
C ARG D 42 -20.81 3.67 7.60
N GLN D 43 -21.64 3.00 6.82
CA GLN D 43 -22.31 1.80 7.30
C GLN D 43 -22.32 0.70 6.27
N ASP D 44 -21.34 0.68 5.37
CA ASP D 44 -21.23 -0.43 4.42
C ASP D 44 -20.11 -1.30 4.89
N PHE D 45 -20.34 -2.60 4.99
CA PHE D 45 -19.34 -3.50 5.55
C PHE D 45 -19.01 -4.68 4.66
N THR D 46 -19.20 -4.58 3.35
CA THR D 46 -18.85 -5.67 2.45
C THR D 46 -17.35 -5.66 2.15
N GLN D 47 -16.78 -6.84 1.98
CA GLN D 47 -15.35 -6.96 1.71
C GLN D 47 -15.07 -8.32 1.06
N ASP D 48 -13.98 -8.37 0.30
CA ASP D 48 -13.62 -9.57 -0.47
C ASP D 48 -12.10 -9.56 -0.69
N PRO D 49 -11.35 -10.35 0.09
CA PRO D 49 -9.88 -10.31 -0.03
C PRO D 49 -9.32 -11.20 -1.12
N SER D 50 -10.14 -11.90 -1.90
CA SER D 50 -9.63 -12.84 -2.88
C SER D 50 -8.79 -12.15 -3.95
N LYS D 51 -9.06 -10.87 -4.22
CA LYS D 51 -8.30 -10.16 -5.24
C LYS D 51 -6.82 -10.08 -4.89
N PHE D 52 -6.48 -10.06 -3.60
CA PHE D 52 -5.10 -9.95 -3.16
C PHE D 52 -4.54 -11.23 -2.57
N THR D 53 -5.39 -12.11 -2.03
CA THR D 53 -4.89 -13.33 -1.42
C THR D 53 -4.87 -14.51 -2.37
N GLU D 54 -5.77 -14.53 -3.36
CA GLU D 54 -5.88 -15.66 -4.30
C GLU D 54 -5.92 -15.15 -5.72
N PRO D 55 -4.84 -14.52 -6.19
CA PRO D 55 -4.81 -14.00 -7.57
C PRO D 55 -4.40 -15.03 -8.62
N VAL D 56 -4.35 -16.31 -8.29
CA VAL D 56 -3.88 -17.32 -9.22
C VAL D 56 -4.98 -17.68 -10.21
N LYS D 57 -4.58 -18.32 -11.31
CA LYS D 57 -5.54 -18.67 -12.36
C LYS D 57 -6.30 -19.94 -12.02
N ASP D 58 -5.57 -21.03 -11.81
CA ASP D 58 -6.19 -22.30 -11.45
C ASP D 58 -6.53 -22.32 -9.97
N VAL D 59 -7.74 -22.76 -9.65
CA VAL D 59 -8.20 -22.80 -8.26
C VAL D 59 -7.37 -23.82 -7.49
N MET D 60 -6.93 -23.43 -6.30
CA MET D 60 -6.15 -24.28 -5.42
C MET D 60 -7.00 -24.74 -4.25
N ILE D 61 -7.00 -26.05 -4.00
CA ILE D 61 -7.74 -26.65 -2.90
C ILE D 61 -6.80 -26.72 -1.71
N LYS D 62 -7.26 -26.21 -0.56
CA LYS D 62 -6.39 -26.15 0.60
C LYS D 62 -5.96 -27.53 1.07
N SER D 63 -6.86 -28.51 1.04
CA SER D 63 -6.53 -29.85 1.52
C SER D 63 -5.61 -30.60 0.57
N LEU D 64 -5.57 -30.24 -0.70
CA LEU D 64 -4.73 -30.97 -1.64
C LEU D 64 -3.35 -30.40 -1.63
N PRO D 65 -2.38 -31.15 -2.18
CA PRO D 65 -1.04 -30.60 -2.28
C PRO D 65 -1.00 -29.52 -3.33
N ALA D 66 -0.16 -28.53 -3.16
CA ALA D 66 -0.12 -27.41 -4.11
C ALA D 66 0.47 -27.84 -5.43
N LEU D 67 1.78 -27.91 -5.50
CA LEU D 67 2.43 -28.31 -6.72
C LEU D 67 2.20 -29.79 -6.87
N ASN D 68 1.42 -30.17 -7.88
CA ASN D 68 1.10 -31.57 -8.10
C ASN D 68 0.60 -32.21 -6.83
#